data_3EI8
#
_entry.id   3EI8
#
_cell.length_a   102.476
_cell.length_b   102.476
_cell.length_c   171.680
_cell.angle_alpha   90.00
_cell.angle_beta   90.00
_cell.angle_gamma   120.00
#
_symmetry.space_group_name_H-M   'P 32 2 1'
#
loop_
_entity.id
_entity.type
_entity.pdbx_description
1 polymer 'LL-diaminopimelate aminotransferase'
2 non-polymer "PYRIDOXAL-5'-PHOSPHATE"
3 non-polymer 'SULFATE ION'
4 non-polymer GLYCEROL
5 non-polymer '(2S,6S)-2-amino-6-{[(1E)-{3-hydroxy-2-methyl-5-[(phosphonooxy)methyl]pyridin-4-yl}methylidene]amino}heptanedioic acid'
6 water water
#
_entity_poly.entity_id   1
_entity_poly.type   'polypeptide(L)'
_entity_poly.pdbx_seq_one_letter_code
;MAKRVNTCKCVATPQEKIEYKTKVSRNSNMSKLQAGYLFPEIARRRSAHLLKYPDAQVISLGIGDTTEPIPEVITSAMAK
KAHELSTIEGYSGYGAEQGAKPLRAAIAKTFYGGLGIGDDDVFVSDGAKCDISRLQVMFGSNVTIAVQDPSYPAYVDSSV
IMGQTGQFNTDVQKYGNIEYMRCTPENGFFPDLSTVGRTDIIFFCSPNNPTGAAATREQLTQLVEFAKKNGSIIVYDSAY
AMYMSDDNPRSIFEIPGAEEVAMETASFSNYAGFTGVRLGWTVIPKKLLYSDGFPVAKDFNRIICTCFNGASNISQAGAL
ACLTPEGLEAMHKVIGFYKENTNIIIDTFTSLGYDVYGGKNAPYVWVHFPNQSSWDVFAEILEKTHVVTTPGSGFGPGGE
GFVRVSAFGHRENILEACRRFKQLYKHHHHHH
;
_entity_poly.pdbx_strand_id   A,B
#
loop_
_chem_comp.id
_chem_comp.type
_chem_comp.name
_chem_comp.formula
GOL non-polymer GLYCEROL 'C3 H8 O3'
PL5 non-polymer '(2S,6S)-2-amino-6-{[(1E)-{3-hydroxy-2-methyl-5-[(phosphonooxy)methyl]pyridin-4-yl}methylidene]amino}heptanedioic acid' 'C15 H22 N3 O9 P'
PLP non-polymer PYRIDOXAL-5'-PHOSPHATE 'C8 H10 N O6 P'
SO4 non-polymer 'SULFATE ION' 'O4 S -2'
#
# COMPACT_ATOMS: atom_id res chain seq x y z
N GLU A 19 -27.26 -7.39 20.12
CA GLU A 19 -26.28 -6.45 19.51
C GLU A 19 -26.78 -5.92 18.16
N TYR A 20 -26.53 -4.64 17.93
CA TYR A 20 -26.83 -4.03 16.64
C TYR A 20 -25.88 -4.60 15.58
N LYS A 21 -26.42 -4.83 14.39
CA LYS A 21 -25.62 -5.19 13.20
C LYS A 21 -26.04 -4.29 12.06
N THR A 22 -25.09 -3.91 11.19
CA THR A 22 -25.46 -3.18 9.98
C THR A 22 -26.21 -4.11 9.02
N LYS A 23 -26.68 -3.54 7.92
CA LYS A 23 -27.31 -4.32 6.86
C LYS A 23 -26.36 -4.52 5.68
N VAL A 24 -25.07 -4.31 5.92
CA VAL A 24 -24.08 -4.51 4.86
C VAL A 24 -23.68 -5.98 4.86
N SER A 25 -23.76 -6.61 3.69
CA SER A 25 -23.29 -7.98 3.51
C SER A 25 -21.77 -8.07 3.54
N ARG A 26 -21.28 -9.00 4.34
CA ARG A 26 -19.86 -9.34 4.32
C ARG A 26 -19.45 -9.67 2.88
N ASN A 27 -18.26 -9.23 2.49
CA ASN A 27 -17.72 -9.55 1.18
C ASN A 27 -17.63 -11.07 1.04
N SER A 28 -18.35 -11.63 0.06
CA SER A 28 -18.42 -13.07 -0.09
C SER A 28 -17.07 -13.67 -0.48
N ASN A 29 -16.17 -12.85 -1.01
CA ASN A 29 -14.81 -13.32 -1.29
C ASN A 29 -13.98 -13.52 -0.03
N MET A 30 -14.21 -12.68 0.98
CA MET A 30 -13.55 -12.86 2.28
C MET A 30 -14.03 -14.13 2.96
N SER A 31 -15.33 -14.42 2.81
CA SER A 31 -15.91 -15.65 3.35
C SER A 31 -15.30 -16.91 2.77
N LYS A 32 -14.77 -16.81 1.55
CA LYS A 32 -14.17 -17.98 0.88
C LYS A 32 -12.87 -18.47 1.52
N LEU A 33 -12.13 -17.55 2.15
CA LEU A 33 -10.83 -17.89 2.72
C LEU A 33 -10.95 -18.95 3.79
N GLN A 34 -10.06 -19.94 3.70
CA GLN A 34 -10.11 -21.12 4.56
C GLN A 34 -9.72 -20.89 6.00
N ALA A 35 -8.71 -20.05 6.20
CA ALA A 35 -8.18 -19.76 7.51
C ALA A 35 -7.53 -18.40 7.39
N GLY A 36 -6.81 -17.99 8.43
CA GLY A 36 -6.03 -16.76 8.38
C GLY A 36 -4.79 -16.92 7.51
N TYR A 37 -4.12 -15.80 7.26
CA TYR A 37 -2.87 -15.81 6.49
C TYR A 37 -1.85 -16.68 7.22
N LEU A 38 -1.04 -17.40 6.45
CA LEU A 38 -0.17 -18.44 7.03
C LEU A 38 0.73 -17.97 8.15
N PHE A 39 1.38 -16.82 7.96
CA PHE A 39 2.40 -16.43 8.90
C PHE A 39 1.86 -15.98 10.26
N PRO A 40 0.76 -15.19 10.25
CA PRO A 40 0.09 -14.97 11.53
C PRO A 40 -0.33 -16.26 12.25
N GLU A 41 -0.73 -17.29 11.51
CA GLU A 41 -1.05 -18.59 12.13
C GLU A 41 0.14 -19.26 12.83
N ILE A 42 1.32 -19.16 12.20
CA ILE A 42 2.54 -19.70 12.79
C ILE A 42 2.87 -18.96 14.10
N ALA A 43 2.75 -17.63 14.08
CA ALA A 43 2.95 -16.80 15.26
C ALA A 43 2.09 -17.25 16.43
N ARG A 44 0.84 -17.60 16.13
CA ARG A 44 -0.12 -18.10 17.12
C ARG A 44 0.39 -19.38 17.76
N ARG A 45 0.90 -20.30 16.95
CA ARG A 45 1.43 -21.56 17.45
C ARG A 45 2.73 -21.37 18.22
N ARG A 46 3.54 -20.39 17.82
CA ARG A 46 4.76 -20.06 18.55
C ARG A 46 4.43 -19.55 19.96
N SER A 47 3.40 -18.71 20.04
CA SER A 47 2.92 -18.16 21.32
C SER A 47 2.37 -19.24 22.25
N ALA A 48 1.55 -20.13 21.70
CA ALA A 48 1.03 -21.27 22.46
C ALA A 48 2.18 -22.14 22.96
N HIS A 49 3.20 -22.33 22.13
CA HIS A 49 4.38 -23.09 22.54
C HIS A 49 5.09 -22.44 23.74
N LEU A 50 5.19 -21.11 23.72
CA LEU A 50 5.83 -20.40 24.82
C LEU A 50 5.02 -20.45 26.13
N LEU A 51 3.71 -20.53 26.03
CA LEU A 51 2.89 -20.74 27.23
C LEU A 51 3.16 -22.13 27.82
N LYS A 52 3.33 -23.13 26.94
CA LYS A 52 3.62 -24.49 27.37
C LYS A 52 5.04 -24.63 27.92
N TYR A 53 5.96 -23.88 27.35
CA TYR A 53 7.37 -23.93 27.74
C TYR A 53 7.91 -22.52 27.97
N PRO A 54 7.55 -21.89 29.11
CA PRO A 54 7.86 -20.47 29.34
C PRO A 54 9.36 -20.15 29.34
N ASP A 55 10.18 -21.16 29.60
CA ASP A 55 11.63 -20.99 29.66
C ASP A 55 12.36 -21.40 28.37
N ALA A 56 11.60 -21.73 27.32
CA ALA A 56 12.20 -22.20 26.07
C ALA A 56 12.96 -21.08 25.36
N GLN A 57 14.15 -21.41 24.86
CA GLN A 57 14.94 -20.49 24.05
C GLN A 57 14.60 -20.73 22.58
N VAL A 58 13.55 -20.07 22.13
CA VAL A 58 12.99 -20.30 20.79
C VAL A 58 13.86 -19.65 19.73
N ILE A 59 14.16 -20.41 18.68
CA ILE A 59 14.87 -19.88 17.52
C ILE A 59 13.92 -19.90 16.33
N SER A 60 13.69 -18.74 15.71
CA SER A 60 12.74 -18.67 14.61
C SER A 60 13.42 -18.79 13.24
N LEU A 61 13.13 -19.89 12.57
CA LEU A 61 13.54 -20.10 11.19
C LEU A 61 12.30 -20.30 10.33
N GLY A 62 11.21 -19.65 10.73
CA GLY A 62 9.91 -19.76 10.07
C GLY A 62 9.77 -18.69 9.01
N ILE A 63 9.03 -17.62 9.31
CA ILE A 63 8.95 -16.49 8.37
C ILE A 63 10.35 -16.03 7.99
N GLY A 64 10.52 -15.67 6.72
CA GLY A 64 11.82 -15.24 6.22
C GLY A 64 12.07 -13.79 6.61
N ASP A 65 12.29 -13.56 7.89
CA ASP A 65 12.51 -12.21 8.39
C ASP A 65 14.01 -12.04 8.55
N THR A 66 14.57 -11.00 7.94
CA THR A 66 15.99 -10.71 8.03
C THR A 66 16.34 -10.37 9.47
N THR A 67 17.58 -10.69 9.86
CA THR A 67 18.00 -10.54 11.25
C THR A 67 19.22 -9.67 11.47
N GLU A 68 20.03 -9.49 10.43
CA GLU A 68 21.28 -8.75 10.57
C GLU A 68 21.04 -7.25 10.32
N PRO A 69 21.87 -6.39 10.92
CA PRO A 69 21.65 -4.95 10.75
C PRO A 69 21.76 -4.49 9.28
N ILE A 70 21.07 -3.41 8.97
CA ILE A 70 21.25 -2.75 7.68
C ILE A 70 22.64 -2.09 7.65
N PRO A 71 23.37 -2.25 6.54
CA PRO A 71 24.67 -1.62 6.38
C PRO A 71 24.64 -0.12 6.63
N GLU A 72 25.67 0.38 7.31
CA GLU A 72 25.76 1.78 7.66
C GLU A 72 25.66 2.74 6.48
N VAL A 73 26.24 2.37 5.32
CA VAL A 73 26.16 3.28 4.16
C VAL A 73 24.70 3.56 3.78
N ILE A 74 23.84 2.58 4.00
CA ILE A 74 22.44 2.68 3.63
C ILE A 74 21.65 3.42 4.72
N THR A 75 21.87 3.06 5.98
CA THR A 75 21.15 3.76 7.05
C THR A 75 21.58 5.21 7.16
N SER A 76 22.85 5.50 6.86
CA SER A 76 23.33 6.89 6.88
C SER A 76 22.58 7.74 5.86
N ALA A 77 22.31 7.16 4.69
CA ALA A 77 21.58 7.89 3.66
C ALA A 77 20.14 8.19 4.12
N MET A 78 19.57 7.23 4.85
CA MET A 78 18.21 7.41 5.37
C MET A 78 18.17 8.46 6.46
N ALA A 79 19.14 8.42 7.39
CA ALA A 79 19.23 9.46 8.41
C ALA A 79 19.47 10.83 7.79
N LYS A 80 20.32 10.90 6.76
CA LYS A 80 20.56 12.17 6.05
C LYS A 80 19.27 12.73 5.46
N LYS A 81 18.47 11.88 4.82
CA LYS A 81 17.18 12.29 4.28
C LYS A 81 16.27 12.82 5.40
N ALA A 82 16.21 12.09 6.51
CA ALA A 82 15.40 12.55 7.64
C ALA A 82 15.83 13.95 8.07
N HIS A 83 17.14 14.16 8.21
CA HIS A 83 17.65 15.47 8.62
C HIS A 83 17.30 16.56 7.61
N GLU A 84 17.40 16.22 6.32
CA GLU A 84 17.09 17.15 5.25
C GLU A 84 15.63 17.61 5.31
N LEU A 85 14.75 16.72 5.77
CA LEU A 85 13.33 17.06 5.85
C LEU A 85 13.01 18.14 6.89
N SER A 86 13.97 18.44 7.77
CA SER A 86 13.81 19.54 8.74
C SER A 86 14.38 20.87 8.24
N THR A 87 14.83 20.90 6.99
CA THR A 87 15.39 22.12 6.38
C THR A 87 14.51 22.62 5.25
N ILE A 88 14.57 23.93 4.98
CA ILE A 88 13.76 24.53 3.92
C ILE A 88 14.12 23.95 2.57
N GLU A 89 15.42 23.89 2.31
CA GLU A 89 15.91 23.47 1.02
C GLU A 89 15.74 21.96 0.81
N GLY A 90 15.77 21.20 1.90
CA GLY A 90 15.78 19.74 1.82
C GLY A 90 14.41 19.11 1.99
N TYR A 91 13.42 19.88 2.41
CA TYR A 91 12.08 19.34 2.59
C TYR A 91 11.45 18.94 1.25
N SER A 92 10.80 17.77 1.23
CA SER A 92 9.95 17.38 0.10
C SER A 92 8.64 16.82 0.65
N GLY A 93 7.54 17.12 -0.03
CA GLY A 93 6.20 16.66 0.37
C GLY A 93 5.82 15.42 -0.42
N TYR A 94 4.65 15.43 -1.05
CA TYR A 94 4.26 14.30 -1.90
C TYR A 94 5.30 14.05 -2.96
N GLY A 95 5.59 12.78 -3.18
CA GLY A 95 6.37 12.40 -4.34
C GLY A 95 5.45 11.76 -5.35
N ALA A 96 5.86 11.79 -6.62
CA ALA A 96 5.14 11.06 -7.66
C ALA A 96 4.94 9.62 -7.20
N GLU A 97 3.73 9.12 -7.39
CA GLU A 97 3.37 7.79 -6.88
C GLU A 97 4.27 6.70 -7.46
N GLN A 98 4.74 6.92 -8.70
CA GLN A 98 5.64 5.96 -9.38
C GLN A 98 7.03 5.88 -8.78
N GLY A 99 7.40 6.87 -7.95
CA GLY A 99 8.73 6.91 -7.35
C GLY A 99 9.65 7.96 -7.94
N ALA A 100 10.64 8.36 -7.14
CA ALA A 100 11.61 9.37 -7.57
C ALA A 100 12.28 8.94 -8.87
N LYS A 101 12.39 9.87 -9.83
CA LYS A 101 13.04 9.52 -11.11
C LYS A 101 14.45 8.94 -10.96
N PRO A 102 15.32 9.55 -10.11
CA PRO A 102 16.66 8.95 -9.99
C PRO A 102 16.64 7.52 -9.47
N LEU A 103 15.65 7.19 -8.63
CA LEU A 103 15.56 5.82 -8.13
C LEU A 103 15.07 4.88 -9.22
N ARG A 104 14.04 5.31 -9.95
CA ARG A 104 13.56 4.53 -11.10
C ARG A 104 14.71 4.29 -12.08
N ALA A 105 15.49 5.34 -12.33
CA ALA A 105 16.65 5.23 -13.26
C ALA A 105 17.69 4.25 -12.73
N ALA A 106 18.00 4.33 -11.44
CA ALA A 106 18.98 3.45 -10.84
C ALA A 106 18.53 1.99 -10.89
N ILE A 107 17.26 1.74 -10.59
CA ILE A 107 16.73 0.37 -10.68
C ILE A 107 16.79 -0.16 -12.12
N ALA A 108 16.36 0.68 -13.05
CA ALA A 108 16.32 0.27 -14.45
C ALA A 108 17.71 -0.10 -14.95
N LYS A 109 18.71 0.71 -14.63
CA LYS A 109 20.05 0.44 -15.14
C LYS A 109 20.75 -0.71 -14.39
N THR A 110 20.60 -0.73 -13.06
CA THR A 110 21.33 -1.70 -12.26
C THR A 110 20.86 -3.10 -12.52
N PHE A 111 19.55 -3.31 -12.56
CA PHE A 111 19.01 -4.65 -12.68
C PHE A 111 18.57 -5.02 -14.09
N TYR A 112 18.36 -4.02 -14.96
CA TYR A 112 17.79 -4.30 -16.28
C TYR A 112 18.53 -3.64 -17.42
N GLY A 113 19.76 -3.18 -17.14
CA GLY A 113 20.56 -2.52 -18.18
C GLY A 113 20.86 -3.51 -19.29
N GLY A 114 20.55 -3.11 -20.53
CA GLY A 114 20.73 -4.00 -21.68
C GLY A 114 19.50 -4.83 -22.00
N LEU A 115 18.46 -4.73 -21.16
CA LEU A 115 17.24 -5.51 -21.40
C LEU A 115 16.07 -4.68 -21.93
N GLY A 116 16.36 -3.45 -22.32
CA GLY A 116 15.34 -2.61 -22.97
C GLY A 116 14.27 -2.09 -22.03
N ILE A 117 14.63 -1.89 -20.78
CA ILE A 117 13.72 -1.37 -19.76
C ILE A 117 14.05 0.09 -19.51
N GLY A 118 13.03 0.94 -19.63
CA GLY A 118 13.19 2.38 -19.42
C GLY A 118 12.85 2.78 -18.00
N ASP A 119 13.31 3.96 -17.59
CA ASP A 119 12.99 4.50 -16.27
C ASP A 119 11.47 4.54 -16.03
N ASP A 120 10.72 4.83 -17.09
CA ASP A 120 9.27 4.95 -17.01
C ASP A 120 8.53 3.61 -16.89
N ASP A 121 9.26 2.51 -17.08
CA ASP A 121 8.68 1.17 -16.93
C ASP A 121 8.77 0.68 -15.50
N VAL A 122 9.45 1.44 -14.65
CA VAL A 122 9.69 1.04 -13.25
C VAL A 122 8.75 1.77 -12.31
N PHE A 123 8.13 1.02 -11.41
CA PHE A 123 7.20 1.58 -10.44
C PHE A 123 7.70 1.22 -9.05
N VAL A 124 8.04 2.22 -8.26
CA VAL A 124 8.57 1.99 -6.90
C VAL A 124 7.41 1.81 -5.92
N SER A 125 7.50 0.75 -5.11
CA SER A 125 6.45 0.36 -4.19
C SER A 125 6.98 0.40 -2.76
N ASP A 126 6.05 0.22 -1.81
CA ASP A 126 6.45 -0.07 -0.44
C ASP A 126 6.57 -1.58 -0.18
N GLY A 127 6.80 -2.35 -1.23
CA GLY A 127 7.10 -3.76 -1.07
C GLY A 127 6.39 -4.65 -2.05
N ALA A 128 7.01 -5.82 -2.30
CA ALA A 128 6.51 -6.76 -3.31
C ALA A 128 5.14 -7.31 -2.94
N LYS A 129 4.93 -7.57 -1.65
CA LYS A 129 3.64 -8.09 -1.18
C LYS A 129 2.51 -7.13 -1.56
N CYS A 130 2.78 -5.83 -1.40
CA CYS A 130 1.79 -4.82 -1.70
C CYS A 130 1.54 -4.73 -3.19
N ASP A 131 2.61 -4.83 -3.97
CA ASP A 131 2.46 -4.84 -5.43
C ASP A 131 1.63 -6.03 -5.94
N ILE A 132 1.82 -7.20 -5.34
CA ILE A 132 1.03 -8.37 -5.75
C ILE A 132 -0.46 -8.02 -5.63
N SER A 133 -0.84 -7.40 -4.52
CA SER A 133 -2.27 -7.09 -4.36
C SER A 133 -2.75 -5.93 -5.21
N ARG A 134 -1.91 -4.92 -5.44
CA ARG A 134 -2.29 -3.84 -6.36
C ARG A 134 -2.41 -4.35 -7.80
N LEU A 135 -1.55 -5.29 -8.19
CA LEU A 135 -1.66 -5.92 -9.52
C LEU A 135 -2.98 -6.68 -9.63
N GLN A 136 -3.37 -7.35 -8.54
CA GLN A 136 -4.62 -8.11 -8.55
C GLN A 136 -5.85 -7.20 -8.61
N VAL A 137 -5.80 -6.05 -7.92
CA VAL A 137 -6.88 -5.05 -8.11
C VAL A 137 -6.92 -4.62 -9.59
N MET A 138 -5.76 -4.39 -10.17
CA MET A 138 -5.65 -3.99 -11.58
C MET A 138 -6.25 -5.04 -12.51
N PHE A 139 -5.84 -6.30 -12.34
CA PHE A 139 -6.33 -7.37 -13.23
C PHE A 139 -7.83 -7.56 -13.04
N GLY A 140 -8.25 -7.49 -11.78
CA GLY A 140 -9.67 -7.54 -11.46
C GLY A 140 -10.24 -8.94 -11.27
N SER A 141 -11.55 -9.00 -11.08
CA SER A 141 -12.18 -10.22 -10.61
C SER A 141 -12.38 -11.29 -11.69
N ASN A 142 -12.23 -10.90 -12.96
CA ASN A 142 -12.59 -11.78 -14.08
C ASN A 142 -11.43 -12.54 -14.73
N VAL A 143 -10.22 -12.34 -14.23
CA VAL A 143 -9.09 -13.12 -14.76
C VAL A 143 -8.97 -14.44 -14.01
N THR A 144 -8.39 -15.44 -14.67
CA THR A 144 -8.01 -16.67 -14.00
C THR A 144 -6.49 -16.69 -13.84
N ILE A 145 -6.03 -17.34 -12.77
CA ILE A 145 -4.61 -17.41 -12.49
C ILE A 145 -4.07 -18.83 -12.39
N ALA A 146 -2.77 -18.93 -12.67
CA ALA A 146 -1.97 -20.12 -12.43
C ALA A 146 -0.89 -19.73 -11.44
N VAL A 147 -0.57 -20.67 -10.55
CA VAL A 147 0.54 -20.50 -9.59
C VAL A 147 1.37 -21.76 -9.55
N GLN A 148 2.65 -21.61 -9.19
CA GLN A 148 3.45 -22.78 -8.84
C GLN A 148 2.82 -23.40 -7.59
N ASP A 149 2.91 -24.72 -7.50
CA ASP A 149 2.38 -25.42 -6.36
C ASP A 149 3.51 -26.33 -5.87
N PRO A 150 4.22 -25.91 -4.81
CA PRO A 150 3.92 -24.79 -3.89
C PRO A 150 4.36 -23.39 -4.34
N SER A 151 3.82 -22.36 -3.69
CA SER A 151 4.30 -20.99 -3.88
C SER A 151 3.87 -20.13 -2.71
N TYR A 152 4.50 -18.96 -2.61
CA TYR A 152 4.20 -17.91 -1.63
C TYR A 152 2.67 -17.67 -1.56
N PRO A 153 2.07 -17.75 -0.36
CA PRO A 153 0.61 -17.86 -0.30
C PRO A 153 -0.17 -16.59 -0.68
N ALA A 154 0.50 -15.44 -0.78
CA ALA A 154 -0.18 -14.22 -1.18
C ALA A 154 -0.76 -14.28 -2.59
N TYR A 155 -0.16 -15.05 -3.50
CA TYR A 155 -0.70 -15.09 -4.86
C TYR A 155 -2.11 -15.66 -4.81
N VAL A 156 -2.24 -16.82 -4.18
CA VAL A 156 -3.55 -17.49 -4.06
C VAL A 156 -4.52 -16.65 -3.24
N ASP A 157 -4.08 -16.17 -2.09
CA ASP A 157 -5.00 -15.48 -1.19
C ASP A 157 -5.51 -14.18 -1.82
N SER A 158 -4.63 -13.43 -2.49
CA SER A 158 -5.06 -12.21 -3.20
C SER A 158 -6.07 -12.51 -4.30
N SER A 159 -5.87 -13.63 -5.00
CA SER A 159 -6.80 -14.10 -6.02
C SER A 159 -8.18 -14.40 -5.44
N VAL A 160 -8.22 -15.07 -4.30
CA VAL A 160 -9.49 -15.36 -3.63
C VAL A 160 -10.18 -14.04 -3.25
N ILE A 161 -9.44 -13.15 -2.59
CA ILE A 161 -9.98 -11.85 -2.17
C ILE A 161 -10.56 -11.04 -3.33
N MET A 162 -9.90 -11.11 -4.49
CA MET A 162 -10.40 -10.37 -5.65
C MET A 162 -11.59 -10.99 -6.38
N GLY A 163 -11.95 -12.22 -6.01
CA GLY A 163 -13.10 -12.87 -6.62
C GLY A 163 -12.78 -13.70 -7.86
N GLN A 164 -11.49 -14.00 -8.04
CA GLN A 164 -11.03 -14.75 -9.20
C GLN A 164 -11.21 -16.27 -9.06
N THR A 165 -11.72 -16.71 -7.92
CA THR A 165 -11.72 -18.13 -7.60
C THR A 165 -13.11 -18.62 -7.24
N GLY A 166 -13.25 -19.95 -7.18
CA GLY A 166 -14.41 -20.55 -6.51
C GLY A 166 -14.12 -20.83 -5.05
N GLN A 167 -14.92 -21.70 -4.47
CA GLN A 167 -14.76 -22.09 -3.06
C GLN A 167 -13.54 -22.98 -2.87
N PHE A 168 -13.08 -23.08 -1.63
CA PHE A 168 -12.04 -24.05 -1.28
C PHE A 168 -12.60 -25.47 -1.30
N ASN A 169 -11.86 -26.38 -1.89
CA ASN A 169 -12.24 -27.79 -1.93
C ASN A 169 -11.32 -28.55 -1.00
N THR A 170 -11.88 -29.12 0.08
CA THR A 170 -11.07 -29.76 1.11
C THR A 170 -10.52 -31.13 0.71
N ASP A 171 -11.15 -31.76 -0.27
CA ASP A 171 -10.68 -33.07 -0.76
C ASP A 171 -9.30 -32.92 -1.41
N VAL A 172 -9.12 -31.84 -2.17
CA VAL A 172 -7.87 -31.62 -2.90
C VAL A 172 -7.04 -30.45 -2.34
N GLN A 173 -7.59 -29.75 -1.35
CA GLN A 173 -6.91 -28.61 -0.70
C GLN A 173 -6.58 -27.49 -1.68
N LYS A 174 -7.55 -27.17 -2.53
CA LYS A 174 -7.37 -26.17 -3.58
C LYS A 174 -8.60 -25.27 -3.70
N TYR A 175 -8.38 -23.99 -3.97
CA TYR A 175 -9.48 -23.13 -4.39
C TYR A 175 -9.85 -23.42 -5.82
N GLY A 176 -11.15 -23.47 -6.09
CA GLY A 176 -11.63 -23.71 -7.45
C GLY A 176 -11.15 -22.63 -8.42
N ASN A 177 -10.89 -23.01 -9.66
CA ASN A 177 -10.62 -22.06 -10.74
C ASN A 177 -9.19 -21.51 -10.75
N ILE A 178 -8.34 -22.00 -9.84
CA ILE A 178 -6.89 -21.69 -9.89
C ILE A 178 -6.16 -22.90 -10.47
N GLU A 179 -5.24 -22.63 -11.39
CA GLU A 179 -4.43 -23.68 -11.97
C GLU A 179 -3.18 -23.84 -11.11
N TYR A 180 -3.12 -24.92 -10.34
CA TYR A 180 -1.99 -25.18 -9.45
C TYR A 180 -0.99 -26.02 -10.23
N MET A 181 0.17 -25.43 -10.53
CA MET A 181 1.20 -26.12 -11.36
C MET A 181 2.17 -26.85 -10.47
N ARG A 182 2.05 -28.18 -10.38
CA ARG A 182 2.81 -28.91 -9.38
C ARG A 182 4.30 -28.94 -9.72
N CYS A 183 5.10 -28.61 -8.71
CA CYS A 183 6.56 -28.56 -8.82
C CYS A 183 7.09 -29.55 -7.80
N THR A 184 7.79 -30.58 -8.27
CA THR A 184 8.12 -31.75 -7.46
C THR A 184 9.57 -32.15 -7.68
N PRO A 185 10.13 -32.97 -6.79
CA PRO A 185 11.47 -33.49 -7.08
C PRO A 185 11.51 -34.20 -8.45
N GLU A 186 10.41 -34.85 -8.83
CA GLU A 186 10.37 -35.67 -10.04
C GLU A 186 10.32 -34.86 -11.33
N ASN A 187 9.95 -33.58 -11.23
CA ASN A 187 10.00 -32.70 -12.40
C ASN A 187 10.99 -31.55 -12.26
N GLY A 188 11.88 -31.68 -11.27
CA GLY A 188 12.92 -30.68 -11.05
C GLY A 188 12.34 -29.35 -10.59
N PHE A 189 11.19 -29.42 -9.94
CA PHE A 189 10.49 -28.26 -9.37
C PHE A 189 10.15 -27.19 -10.41
N PHE A 190 9.91 -27.63 -11.64
CA PHE A 190 9.46 -26.75 -12.70
C PHE A 190 8.22 -27.42 -13.31
N PRO A 191 7.14 -26.65 -13.55
CA PRO A 191 5.91 -27.26 -14.05
C PRO A 191 6.12 -28.00 -15.35
N ASP A 192 5.40 -29.11 -15.51
CA ASP A 192 5.27 -29.74 -16.81
C ASP A 192 4.23 -28.96 -17.60
N LEU A 193 4.69 -27.99 -18.39
CA LEU A 193 3.79 -27.04 -19.02
C LEU A 193 2.81 -27.67 -20.01
N SER A 194 3.18 -28.83 -20.57
CA SER A 194 2.24 -29.51 -21.49
C SER A 194 0.99 -29.97 -20.77
N THR A 195 1.03 -30.02 -19.44
CA THR A 195 -0.11 -30.47 -18.64
C THR A 195 -0.85 -29.31 -17.96
N VAL A 196 -0.36 -28.09 -18.18
CA VAL A 196 -0.95 -26.90 -17.53
C VAL A 196 -2.02 -26.27 -18.42
N GLY A 197 -3.21 -26.07 -17.86
CA GLY A 197 -4.31 -25.43 -18.56
C GLY A 197 -4.08 -23.94 -18.73
N ARG A 198 -4.72 -23.38 -19.75
CA ARG A 198 -4.58 -21.95 -20.02
C ARG A 198 -5.25 -21.13 -18.93
N THR A 199 -4.56 -20.06 -18.53
CA THR A 199 -5.10 -19.07 -17.61
C THR A 199 -4.75 -17.69 -18.15
N ASP A 200 -5.34 -16.64 -17.56
CA ASP A 200 -4.94 -15.30 -17.94
C ASP A 200 -3.57 -14.92 -17.40
N ILE A 201 -3.39 -15.17 -16.10
CA ILE A 201 -2.19 -14.74 -15.40
C ILE A 201 -1.40 -15.97 -14.95
N ILE A 202 -0.08 -15.88 -15.01
CA ILE A 202 0.77 -16.92 -14.47
C ILE A 202 1.72 -16.27 -13.46
N PHE A 203 1.52 -16.56 -12.19
CA PHE A 203 2.45 -16.09 -11.16
C PHE A 203 3.63 -17.05 -11.11
N PHE A 204 4.83 -16.51 -11.26
CA PHE A 204 6.00 -17.37 -11.30
C PHE A 204 7.15 -16.76 -10.54
N CYS A 205 7.61 -17.48 -9.53
CA CYS A 205 8.63 -16.99 -8.61
C CYS A 205 9.92 -17.76 -8.87
N SER A 206 11.00 -17.05 -9.11
CA SER A 206 12.32 -17.67 -9.33
C SER A 206 13.42 -16.74 -8.83
N PRO A 207 14.28 -17.21 -7.89
CA PRO A 207 14.22 -18.50 -7.19
C PRO A 207 12.88 -18.64 -6.49
N ASN A 208 12.30 -19.83 -6.54
CA ASN A 208 10.97 -20.04 -5.97
C ASN A 208 11.02 -20.00 -4.44
N ASN A 209 10.00 -19.39 -3.85
CA ASN A 209 9.70 -19.54 -2.44
C ASN A 209 8.45 -20.42 -2.41
N PRO A 210 8.51 -21.61 -1.78
CA PRO A 210 9.45 -22.13 -0.80
C PRO A 210 10.53 -23.12 -1.26
N THR A 211 10.53 -23.54 -2.52
CA THR A 211 11.38 -24.68 -2.90
C THR A 211 12.83 -24.30 -3.10
N GLY A 212 13.09 -23.01 -3.34
CA GLY A 212 14.44 -22.50 -3.67
C GLY A 212 14.84 -22.69 -5.12
N ALA A 213 13.98 -23.34 -5.90
CA ALA A 213 14.34 -23.69 -7.27
C ALA A 213 14.42 -22.47 -8.16
N ALA A 214 15.55 -22.35 -8.85
CA ALA A 214 15.72 -21.27 -9.82
C ALA A 214 15.61 -21.86 -11.21
N ALA A 215 14.68 -21.33 -11.99
CA ALA A 215 14.47 -21.77 -13.37
C ALA A 215 15.69 -21.47 -14.23
N THR A 216 16.03 -22.44 -15.09
CA THR A 216 17.10 -22.24 -16.05
C THR A 216 16.66 -21.37 -17.22
N ARG A 217 17.63 -20.94 -18.02
CA ARG A 217 17.32 -20.17 -19.23
C ARG A 217 16.38 -20.95 -20.13
N GLU A 218 16.64 -22.24 -20.28
CA GLU A 218 15.80 -23.12 -21.10
C GLU A 218 14.37 -23.18 -20.56
N GLN A 219 14.23 -23.30 -19.24
CA GLN A 219 12.91 -23.37 -18.62
C GLN A 219 12.13 -22.06 -18.77
N LEU A 220 12.83 -20.95 -18.54
CA LEU A 220 12.18 -19.64 -18.69
C LEU A 220 11.80 -19.38 -20.14
N THR A 221 12.60 -19.91 -21.05
CA THR A 221 12.27 -19.82 -22.47
C THR A 221 10.97 -20.58 -22.75
N GLN A 222 10.85 -21.79 -22.19
CA GLN A 222 9.60 -22.56 -22.26
C GLN A 222 8.43 -21.77 -21.69
N LEU A 223 8.67 -21.12 -20.55
CA LEU A 223 7.60 -20.37 -19.89
C LEU A 223 7.10 -19.22 -20.75
N VAL A 224 8.03 -18.46 -21.32
CA VAL A 224 7.67 -17.36 -22.20
C VAL A 224 6.95 -17.88 -23.44
N GLU A 225 7.43 -18.98 -24.02
CA GLU A 225 6.76 -19.56 -25.19
C GLU A 225 5.34 -20.02 -24.86
N PHE A 226 5.16 -20.57 -23.66
CA PHE A 226 3.86 -21.03 -23.17
C PHE A 226 2.92 -19.86 -23.02
N ALA A 227 3.40 -18.78 -22.38
CA ALA A 227 2.60 -17.56 -22.21
C ALA A 227 2.26 -16.92 -23.55
N LYS A 228 3.21 -16.93 -24.49
CA LYS A 228 2.93 -16.36 -25.80
C LYS A 228 1.84 -17.12 -26.52
N LYS A 229 1.93 -18.45 -26.52
CA LYS A 229 0.94 -19.25 -27.24
C LYS A 229 -0.45 -19.16 -26.60
N ASN A 230 -0.48 -19.06 -25.27
CA ASN A 230 -1.73 -18.98 -24.54
C ASN A 230 -2.25 -17.56 -24.39
N GLY A 231 -1.44 -16.58 -24.75
CA GLY A 231 -1.85 -15.17 -24.61
C GLY A 231 -2.01 -14.81 -23.13
N SER A 232 -1.09 -15.32 -22.31
CA SER A 232 -1.08 -15.07 -20.86
C SER A 232 -0.08 -13.99 -20.46
N ILE A 233 -0.30 -13.41 -19.27
CA ILE A 233 0.65 -12.49 -18.64
C ILE A 233 1.37 -13.21 -17.50
N ILE A 234 2.70 -13.18 -17.52
CA ILE A 234 3.51 -13.74 -16.45
C ILE A 234 3.79 -12.63 -15.44
N VAL A 235 3.50 -12.89 -14.17
CA VAL A 235 3.95 -12.00 -13.10
C VAL A 235 5.15 -12.70 -12.48
N TYR A 236 6.34 -12.16 -12.74
CA TYR A 236 7.58 -12.82 -12.36
C TYR A 236 8.13 -12.21 -11.08
N ASP A 237 8.21 -13.01 -10.03
CA ASP A 237 8.64 -12.53 -8.73
C ASP A 237 10.12 -12.90 -8.54
N SER A 238 10.99 -11.89 -8.59
CA SER A 238 12.42 -12.10 -8.51
C SER A 238 13.01 -11.63 -7.17
N ALA A 239 12.21 -11.66 -6.12
CA ALA A 239 12.63 -11.11 -4.82
C ALA A 239 13.84 -11.80 -4.18
N TYR A 240 14.17 -13.02 -4.63
CA TYR A 240 15.40 -13.68 -4.15
C TYR A 240 16.50 -13.84 -5.21
N ALA A 241 16.34 -13.15 -6.34
CA ALA A 241 17.24 -13.40 -7.49
C ALA A 241 18.71 -13.09 -7.20
N MET A 242 18.98 -12.13 -6.31
CA MET A 242 20.38 -11.81 -5.99
C MET A 242 21.07 -12.90 -5.18
N TYR A 243 20.28 -13.89 -4.72
CA TYR A 243 20.85 -15.10 -4.07
C TYR A 243 21.32 -16.15 -5.08
N MET A 244 21.15 -15.87 -6.38
CA MET A 244 21.49 -16.85 -7.41
C MET A 244 22.98 -17.22 -7.35
N SER A 245 23.27 -18.52 -7.33
CA SER A 245 24.65 -19.00 -7.43
C SER A 245 24.89 -19.70 -8.75
N ASP A 246 23.93 -20.51 -9.18
CA ASP A 246 23.96 -21.13 -10.52
C ASP A 246 23.87 -20.06 -11.60
N ASP A 247 24.36 -20.36 -12.80
CA ASP A 247 24.32 -19.39 -13.89
C ASP A 247 22.96 -19.40 -14.58
N ASN A 248 21.94 -18.88 -13.90
CA ASN A 248 20.57 -18.79 -14.43
C ASN A 248 20.19 -17.32 -14.53
N PRO A 249 19.23 -17.01 -15.43
CA PRO A 249 18.78 -15.62 -15.51
C PRO A 249 18.19 -15.14 -14.19
N ARG A 250 18.46 -13.89 -13.87
CA ARG A 250 17.89 -13.26 -12.68
C ARG A 250 16.66 -12.43 -12.99
N SER A 251 16.47 -12.07 -14.26
CA SER A 251 15.26 -11.35 -14.69
C SER A 251 14.60 -12.06 -15.85
N ILE A 252 13.28 -12.07 -15.86
CA ILE A 252 12.51 -12.65 -16.96
C ILE A 252 12.82 -11.91 -18.28
N PHE A 253 13.24 -10.65 -18.18
CA PHE A 253 13.46 -9.84 -19.39
C PHE A 253 14.71 -10.28 -20.12
N GLU A 254 15.48 -11.18 -19.50
CA GLU A 254 16.61 -11.80 -20.20
C GLU A 254 16.16 -12.76 -21.30
N ILE A 255 14.88 -13.13 -21.29
CA ILE A 255 14.34 -14.03 -22.30
C ILE A 255 13.73 -13.21 -23.41
N PRO A 256 14.28 -13.29 -24.63
CA PRO A 256 13.68 -12.56 -25.74
C PRO A 256 12.21 -12.96 -25.92
N GLY A 257 11.37 -11.95 -26.04
CA GLY A 257 9.92 -12.11 -26.10
C GLY A 257 9.21 -11.87 -24.78
N ALA A 258 9.96 -11.87 -23.69
CA ALA A 258 9.34 -11.65 -22.37
C ALA A 258 8.64 -10.31 -22.29
N GLU A 259 9.15 -9.32 -23.02
CA GLU A 259 8.58 -7.97 -23.01
C GLU A 259 7.13 -7.91 -23.55
N GLU A 260 6.70 -8.98 -24.23
CA GLU A 260 5.36 -9.07 -24.78
C GLU A 260 4.39 -9.80 -23.84
N VAL A 261 4.92 -10.47 -22.82
CA VAL A 261 4.06 -11.34 -21.98
C VAL A 261 4.32 -11.25 -20.49
N ALA A 262 5.31 -10.48 -20.06
CA ALA A 262 5.74 -10.55 -18.65
C ALA A 262 5.94 -9.21 -18.00
N MET A 263 5.70 -9.19 -16.69
CA MET A 263 6.14 -8.09 -15.82
C MET A 263 6.93 -8.73 -14.69
N GLU A 264 7.65 -7.89 -13.94
CA GLU A 264 8.49 -8.39 -12.86
C GLU A 264 8.30 -7.57 -11.59
N THR A 265 8.25 -8.27 -10.47
CA THR A 265 8.16 -7.62 -9.18
C THR A 265 9.32 -8.07 -8.28
N ALA A 266 9.90 -7.12 -7.55
CA ALA A 266 11.03 -7.42 -6.66
C ALA A 266 11.04 -6.51 -5.44
N SER A 267 12.08 -6.65 -4.63
CA SER A 267 12.12 -5.97 -3.35
C SER A 267 13.54 -5.80 -2.87
N PHE A 268 13.75 -4.82 -1.99
CA PHE A 268 15.00 -4.72 -1.25
C PHE A 268 14.97 -5.47 0.08
N SER A 269 13.83 -6.06 0.43
CA SER A 269 13.70 -6.73 1.75
C SER A 269 14.82 -7.72 2.06
N ASN A 270 15.05 -8.63 1.12
CA ASN A 270 15.99 -9.71 1.34
C ASN A 270 17.42 -9.38 0.98
N TYR A 271 17.64 -8.17 0.47
CA TYR A 271 18.97 -7.78 0.02
C TYR A 271 19.65 -6.82 0.99
N ALA A 272 18.84 -5.95 1.59
CA ALA A 272 19.38 -4.93 2.46
C ALA A 272 18.78 -5.00 3.86
N GLY A 273 17.92 -5.99 4.11
CA GLY A 273 17.23 -6.07 5.41
C GLY A 273 16.10 -5.07 5.54
N PHE A 274 15.49 -4.71 4.41
CA PHE A 274 14.44 -3.68 4.34
C PHE A 274 13.06 -4.24 4.65
N THR A 275 12.99 -5.38 5.33
CA THR A 275 11.70 -6.02 5.64
C THR A 275 10.78 -5.07 6.41
N GLY A 276 11.37 -4.27 7.30
CA GLY A 276 10.61 -3.25 8.02
C GLY A 276 10.64 -1.85 7.44
N VAL A 277 11.60 -1.60 6.53
CA VAL A 277 11.78 -0.26 5.93
C VAL A 277 10.78 -0.02 4.79
N ARG A 278 10.52 -1.07 3.99
CA ARG A 278 9.46 -1.10 2.97
C ARG A 278 9.85 -0.41 1.67
N LEU A 279 10.43 -1.19 0.74
CA LEU A 279 10.76 -0.61 -0.58
C LEU A 279 10.96 -1.74 -1.58
N GLY A 280 10.13 -1.73 -2.62
CA GLY A 280 10.28 -2.69 -3.72
C GLY A 280 9.98 -1.98 -5.03
N TRP A 281 9.82 -2.76 -6.09
CA TRP A 281 9.42 -2.17 -7.36
C TRP A 281 8.77 -3.21 -8.24
N THR A 282 8.08 -2.72 -9.28
CA THR A 282 7.53 -3.57 -10.32
C THR A 282 7.96 -2.97 -11.65
N VAL A 283 8.29 -3.83 -12.61
CA VAL A 283 8.64 -3.38 -13.95
C VAL A 283 7.59 -3.91 -14.92
N ILE A 284 6.98 -3.01 -15.69
CA ILE A 284 5.99 -3.42 -16.71
C ILE A 284 6.44 -2.84 -18.05
N PRO A 285 6.78 -3.71 -19.01
CA PRO A 285 7.38 -3.25 -20.27
C PRO A 285 6.33 -2.62 -21.18
N LYS A 286 6.79 -1.76 -22.08
CA LYS A 286 5.90 -1.09 -23.01
C LYS A 286 5.11 -2.01 -23.94
N LYS A 287 5.67 -3.18 -24.25
CA LYS A 287 5.07 -4.09 -25.24
C LYS A 287 4.04 -5.06 -24.64
N LEU A 288 3.77 -4.93 -23.34
CA LEU A 288 2.79 -5.80 -22.68
C LEU A 288 1.38 -5.19 -22.83
N LEU A 289 0.56 -5.85 -23.64
CA LEU A 289 -0.78 -5.32 -24.01
C LEU A 289 -1.90 -6.31 -23.71
N TYR A 290 -3.04 -5.75 -23.30
CA TYR A 290 -4.27 -6.50 -23.18
C TYR A 290 -4.79 -6.86 -24.56
N SER A 291 -5.82 -7.72 -24.59
CA SER A 291 -6.35 -8.26 -25.85
C SER A 291 -6.88 -7.20 -26.80
N ASP A 292 -7.26 -6.04 -26.26
CA ASP A 292 -7.74 -4.90 -27.04
C ASP A 292 -6.63 -3.91 -27.43
N GLY A 293 -5.38 -4.28 -27.15
CA GLY A 293 -4.24 -3.43 -27.48
C GLY A 293 -3.85 -2.42 -26.43
N PHE A 294 -4.63 -2.34 -25.35
CA PHE A 294 -4.34 -1.36 -24.30
C PHE A 294 -3.12 -1.77 -23.46
N PRO A 295 -2.18 -0.84 -23.24
CA PRO A 295 -0.96 -1.19 -22.49
C PRO A 295 -1.24 -1.40 -21.02
N VAL A 296 -0.83 -2.57 -20.53
CA VAL A 296 -1.06 -2.94 -19.14
C VAL A 296 -0.44 -1.90 -18.20
N ALA A 297 0.73 -1.37 -18.54
CA ALA A 297 1.39 -0.39 -17.67
C ALA A 297 0.55 0.85 -17.41
N LYS A 298 -0.31 1.21 -18.38
CA LYS A 298 -1.15 2.40 -18.20
C LYS A 298 -2.22 2.16 -17.12
N ASP A 299 -2.74 0.95 -17.04
CA ASP A 299 -3.70 0.63 -16.00
C ASP A 299 -3.01 0.50 -14.65
N PHE A 300 -1.79 -0.06 -14.63
CA PHE A 300 -1.09 -0.11 -13.35
C PHE A 300 -0.78 1.29 -12.87
N ASN A 301 -0.40 2.16 -13.78
CA ASN A 301 -0.17 3.54 -13.41
C ASN A 301 -1.41 4.18 -12.79
N ARG A 302 -2.59 3.90 -13.36
CA ARG A 302 -3.84 4.41 -12.78
C ARG A 302 -4.06 3.85 -11.37
N ILE A 303 -3.81 2.57 -11.18
CA ILE A 303 -3.93 1.97 -9.83
C ILE A 303 -3.00 2.64 -8.81
N ILE A 304 -1.72 2.75 -9.18
CA ILE A 304 -0.68 3.35 -8.36
C ILE A 304 -0.99 4.81 -8.03
N CYS A 305 -1.62 5.53 -8.95
CA CYS A 305 -1.95 6.94 -8.70
C CYS A 305 -3.25 7.12 -7.92
N THR A 306 -4.06 6.07 -7.85
CA THR A 306 -5.39 6.19 -7.23
C THR A 306 -5.45 5.52 -5.87
N CYS A 307 -4.72 4.42 -5.74
CA CYS A 307 -4.80 3.55 -4.56
C CYS A 307 -3.58 3.63 -3.67
N PHE A 308 -2.63 4.50 -4.02
CA PHE A 308 -1.32 4.54 -3.35
C PHE A 308 -0.85 5.99 -3.40
N ASN A 309 0.03 6.37 -2.46
CA ASN A 309 0.56 7.74 -2.46
C ASN A 309 2.08 7.79 -2.52
N GLY A 310 2.69 6.69 -2.94
CA GLY A 310 4.14 6.58 -3.11
C GLY A 310 4.82 5.93 -1.93
N ALA A 311 6.01 5.37 -2.18
CA ALA A 311 6.83 4.81 -1.12
C ALA A 311 7.38 5.93 -0.27
N SER A 312 7.69 5.60 0.99
CA SER A 312 8.25 6.58 1.90
C SER A 312 9.49 7.25 1.30
N ASN A 313 9.57 8.57 1.40
CA ASN A 313 10.74 9.29 0.89
C ASN A 313 12.05 8.85 1.51
N ILE A 314 12.03 8.52 2.81
CA ILE A 314 13.23 8.05 3.49
C ILE A 314 13.63 6.66 2.97
N SER A 315 12.64 5.79 2.79
CA SER A 315 12.91 4.45 2.24
C SER A 315 13.47 4.57 0.84
N GLN A 316 12.94 5.51 0.06
CA GLN A 316 13.46 5.72 -1.31
C GLN A 316 14.92 6.19 -1.28
N ALA A 317 15.24 7.08 -0.34
CA ALA A 317 16.64 7.54 -0.18
C ALA A 317 17.55 6.38 0.19
N GLY A 318 17.05 5.47 1.01
CA GLY A 318 17.80 4.28 1.36
C GLY A 318 18.06 3.39 0.15
N ALA A 319 17.01 3.16 -0.63
CA ALA A 319 17.15 2.33 -1.84
C ALA A 319 18.11 2.97 -2.84
N LEU A 320 18.04 4.28 -2.97
CA LEU A 320 18.99 4.95 -3.89
C LEU A 320 20.44 4.66 -3.48
N ALA A 321 20.71 4.73 -2.17
CA ALA A 321 22.03 4.45 -1.62
C ALA A 321 22.46 2.99 -1.83
N CYS A 322 21.50 2.06 -1.92
CA CYS A 322 21.82 0.67 -2.18
C CYS A 322 22.43 0.49 -3.56
N LEU A 323 22.03 1.33 -4.51
CA LEU A 323 22.40 1.16 -5.91
C LEU A 323 23.57 2.07 -6.31
N THR A 324 24.63 1.90 -5.54
CA THR A 324 25.91 2.60 -5.68
C THR A 324 26.99 1.54 -5.45
N PRO A 325 28.26 1.84 -5.80
CA PRO A 325 29.27 0.82 -5.56
C PRO A 325 29.30 0.39 -4.07
N GLU A 326 29.21 1.35 -3.15
CA GLU A 326 29.26 1.01 -1.72
C GLU A 326 28.02 0.25 -1.27
N GLY A 327 26.86 0.64 -1.78
CA GLY A 327 25.61 -0.04 -1.44
C GLY A 327 25.58 -1.46 -1.98
N LEU A 328 26.05 -1.63 -3.22
CA LEU A 328 26.03 -2.96 -3.83
C LEU A 328 27.00 -3.89 -3.12
N GLU A 329 28.14 -3.33 -2.72
CA GLU A 329 29.11 -4.11 -1.98
C GLU A 329 28.51 -4.55 -0.64
N ALA A 330 27.77 -3.64 -0.01
CA ALA A 330 27.19 -3.91 1.31
C ALA A 330 26.11 -4.99 1.22
N MET A 331 25.25 -4.88 0.21
CA MET A 331 24.21 -5.88 -0.02
C MET A 331 24.84 -7.25 -0.35
N HIS A 332 25.91 -7.25 -1.14
CA HIS A 332 26.61 -8.48 -1.46
C HIS A 332 27.10 -9.19 -0.18
N LYS A 333 27.59 -8.40 0.77
CA LYS A 333 28.10 -8.96 2.02
C LYS A 333 26.94 -9.54 2.86
N VAL A 334 25.83 -8.82 2.92
CA VAL A 334 24.62 -9.27 3.64
C VAL A 334 24.14 -10.60 3.05
N ILE A 335 23.96 -10.61 1.73
CA ILE A 335 23.55 -11.79 1.01
C ILE A 335 24.53 -12.96 1.27
N GLY A 336 25.82 -12.68 1.21
CA GLY A 336 26.85 -13.70 1.41
C GLY A 336 26.78 -14.35 2.78
N PHE A 337 26.50 -13.53 3.79
CA PHE A 337 26.33 -14.04 5.15
C PHE A 337 25.17 -15.02 5.21
N TYR A 338 24.02 -14.64 4.64
CA TYR A 338 22.86 -15.52 4.68
C TYR A 338 23.08 -16.78 3.85
N LYS A 339 23.85 -16.66 2.76
CA LYS A 339 24.18 -17.82 1.95
C LYS A 339 25.05 -18.81 2.74
N GLU A 340 25.95 -18.29 3.56
CA GLU A 340 26.75 -19.15 4.44
C GLU A 340 25.86 -19.85 5.47
N ASN A 341 24.91 -19.13 6.05
CA ASN A 341 23.94 -19.76 6.95
C ASN A 341 23.23 -20.91 6.24
N THR A 342 22.85 -20.67 4.98
CA THR A 342 22.14 -21.67 4.19
C THR A 342 22.98 -22.93 4.01
N ASN A 343 24.27 -22.76 3.75
CA ASN A 343 25.19 -23.88 3.62
C ASN A 343 25.28 -24.72 4.89
N ILE A 344 25.28 -24.04 6.04
CA ILE A 344 25.29 -24.73 7.34
C ILE A 344 24.06 -25.60 7.49
N ILE A 345 22.90 -25.09 7.10
CA ILE A 345 21.65 -25.82 7.21
C ILE A 345 21.60 -26.99 6.23
N ILE A 346 22.00 -26.74 4.99
CA ILE A 346 22.04 -27.81 3.98
C ILE A 346 22.91 -28.96 4.48
N ASP A 347 24.10 -28.64 4.96
CA ASP A 347 25.04 -29.66 5.41
C ASP A 347 24.45 -30.47 6.57
N THR A 348 23.76 -29.80 7.49
CA THR A 348 23.11 -30.47 8.60
C THR A 348 22.10 -31.50 8.13
N PHE A 349 21.16 -31.09 7.28
CA PHE A 349 20.12 -32.02 6.87
C PHE A 349 20.64 -33.12 5.95
N THR A 350 21.64 -32.81 5.15
CA THR A 350 22.26 -33.80 4.27
C THR A 350 22.95 -34.88 5.10
N SER A 351 23.71 -34.45 6.10
CA SER A 351 24.40 -35.37 7.02
C SER A 351 23.43 -36.26 7.81
N LEU A 352 22.22 -35.76 8.04
CA LEU A 352 21.16 -36.52 8.73
C LEU A 352 20.41 -37.50 7.81
N GLY A 353 20.77 -37.50 6.54
CA GLY A 353 20.19 -38.41 5.54
C GLY A 353 18.92 -37.94 4.86
N TYR A 354 18.58 -36.67 5.00
CA TYR A 354 17.39 -36.12 4.34
C TYR A 354 17.64 -35.72 2.91
N ASP A 355 16.60 -35.79 2.08
CA ASP A 355 16.64 -35.14 0.78
C ASP A 355 16.36 -33.67 1.05
N VAL A 356 17.36 -32.84 0.77
CA VAL A 356 17.28 -31.41 0.99
C VAL A 356 17.32 -30.74 -0.36
N TYR A 357 16.36 -29.87 -0.60
CA TYR A 357 16.29 -29.13 -1.85
C TYR A 357 16.43 -27.64 -1.59
N GLY A 358 16.68 -26.89 -2.65
CA GLY A 358 16.87 -25.45 -2.53
C GLY A 358 18.24 -25.20 -1.91
N GLY A 359 18.37 -24.05 -1.28
CA GLY A 359 19.59 -23.69 -0.58
C GLY A 359 20.70 -23.14 -1.47
N LYS A 360 20.76 -23.62 -2.71
CA LYS A 360 21.83 -23.21 -3.62
C LYS A 360 21.63 -21.77 -4.11
N ASN A 361 20.38 -21.46 -4.46
CA ASN A 361 20.06 -20.17 -5.07
C ASN A 361 19.11 -19.30 -4.26
N ALA A 362 18.93 -19.65 -2.99
CA ALA A 362 17.95 -18.99 -2.14
C ALA A 362 18.33 -19.16 -0.67
N PRO A 363 17.89 -18.24 0.20
CA PRO A 363 18.26 -18.30 1.63
C PRO A 363 17.28 -19.13 2.46
N TYR A 364 16.88 -20.25 1.92
CA TYR A 364 16.07 -21.20 2.68
C TYR A 364 16.22 -22.55 2.02
N VAL A 365 15.86 -23.58 2.77
CA VAL A 365 16.01 -24.94 2.30
C VAL A 365 14.68 -25.63 2.40
N TRP A 366 14.46 -26.59 1.51
CA TRP A 366 13.19 -27.24 1.35
C TRP A 366 13.43 -28.72 1.63
N VAL A 367 13.04 -29.15 2.83
CA VAL A 367 13.43 -30.47 3.32
C VAL A 367 12.27 -31.43 3.17
N HIS A 368 12.54 -32.59 2.57
CA HIS A 368 11.51 -33.58 2.32
C HIS A 368 11.34 -34.46 3.55
N PHE A 369 10.12 -34.49 4.07
CA PHE A 369 9.75 -35.36 5.19
C PHE A 369 8.66 -36.28 4.67
N PRO A 370 9.03 -37.23 3.78
CA PRO A 370 8.00 -38.05 3.16
C PRO A 370 7.26 -38.92 4.19
N ASN A 371 5.98 -39.18 3.91
CA ASN A 371 5.13 -40.01 4.77
C ASN A 371 4.73 -39.32 6.09
N GLN A 372 4.89 -38.00 6.15
CA GLN A 372 4.42 -37.22 7.30
C GLN A 372 3.66 -36.03 6.78
N SER A 373 2.74 -35.51 7.59
CA SER A 373 2.07 -34.27 7.24
C SER A 373 2.99 -33.14 7.68
N SER A 374 3.09 -32.10 6.87
CA SER A 374 4.02 -31.02 7.18
C SER A 374 3.65 -30.25 8.45
N TRP A 375 2.35 -30.12 8.73
CA TRP A 375 1.94 -29.47 9.97
C TRP A 375 2.39 -30.28 11.19
N ASP A 376 2.37 -31.60 11.06
CA ASP A 376 2.85 -32.50 12.13
C ASP A 376 4.36 -32.35 12.34
N VAL A 377 5.11 -32.27 11.25
CA VAL A 377 6.55 -32.09 11.33
C VAL A 377 6.86 -30.73 11.98
N PHE A 378 6.18 -29.69 11.51
CA PHE A 378 6.29 -28.37 12.12
C PHE A 378 6.10 -28.43 13.63
N ALA A 379 5.01 -29.08 14.06
CA ALA A 379 4.68 -29.18 15.47
C ALA A 379 5.74 -29.96 16.24
N GLU A 380 6.22 -31.05 15.64
CA GLU A 380 7.25 -31.88 16.26
C GLU A 380 8.55 -31.13 16.48
N ILE A 381 9.02 -30.44 15.44
CA ILE A 381 10.25 -29.67 15.53
C ILE A 381 10.13 -28.56 16.57
N LEU A 382 9.02 -27.84 16.53
CA LEU A 382 8.79 -26.76 17.49
C LEU A 382 8.71 -27.32 18.92
N GLU A 383 7.90 -28.36 19.11
CA GLU A 383 7.76 -29.02 20.41
C GLU A 383 9.10 -29.49 21.00
N LYS A 384 9.88 -30.22 20.21
CA LYS A 384 11.11 -30.87 20.70
C LYS A 384 12.38 -30.04 20.67
N THR A 385 12.49 -29.12 19.70
CA THR A 385 13.74 -28.34 19.57
C THR A 385 13.59 -26.83 19.83
N HIS A 386 12.36 -26.38 19.98
CA HIS A 386 12.04 -24.95 20.17
C HIS A 386 12.52 -24.14 18.96
N VAL A 387 12.50 -24.78 17.79
CA VAL A 387 12.80 -24.10 16.51
C VAL A 387 11.53 -23.99 15.67
N VAL A 388 11.22 -22.77 15.21
CA VAL A 388 10.07 -22.52 14.35
C VAL A 388 10.52 -22.71 12.89
N THR A 389 9.75 -23.49 12.15
CA THR A 389 9.95 -23.69 10.71
C THR A 389 8.65 -23.28 10.01
N THR A 390 8.52 -23.57 8.71
CA THR A 390 7.26 -23.32 8.01
C THR A 390 6.80 -24.60 7.33
N PRO A 391 5.59 -25.07 7.68
CA PRO A 391 5.10 -26.32 7.07
C PRO A 391 4.86 -26.11 5.58
N GLY A 392 5.31 -27.06 4.76
CA GLY A 392 5.15 -26.95 3.31
C GLY A 392 3.73 -26.76 2.83
N SER A 393 2.76 -27.39 3.49
CA SER A 393 1.38 -27.27 3.06
C SER A 393 0.83 -25.84 3.17
N GLY A 394 1.52 -24.99 3.94
CA GLY A 394 1.16 -23.56 3.99
C GLY A 394 1.36 -22.85 2.66
N PHE A 395 2.14 -23.50 1.78
CA PHE A 395 2.43 -22.93 0.47
C PHE A 395 1.61 -23.61 -0.63
N GLY A 396 0.58 -24.36 -0.23
CA GLY A 396 -0.27 -25.08 -1.17
C GLY A 396 -0.10 -26.58 -1.05
N PRO A 397 -1.01 -27.34 -1.67
CA PRO A 397 -1.04 -28.80 -1.51
C PRO A 397 0.22 -29.49 -2.03
N GLY A 398 0.88 -28.88 -3.03
CA GLY A 398 2.17 -29.40 -3.52
C GLY A 398 3.30 -29.28 -2.52
N GLY A 399 3.08 -28.52 -1.45
CA GLY A 399 4.07 -28.41 -0.38
C GLY A 399 3.92 -29.49 0.69
N GLU A 400 2.84 -30.25 0.64
CA GLU A 400 2.63 -31.30 1.63
C GLU A 400 3.80 -32.30 1.57
N GLY A 401 4.30 -32.68 2.74
CA GLY A 401 5.45 -33.58 2.82
C GLY A 401 6.80 -32.89 2.88
N PHE A 402 6.80 -31.56 2.90
CA PHE A 402 8.04 -30.80 3.02
C PHE A 402 7.93 -29.77 4.11
N VAL A 403 9.09 -29.31 4.57
CA VAL A 403 9.15 -28.18 5.51
C VAL A 403 10.19 -27.18 4.99
N ARG A 404 9.85 -25.89 5.01
CA ARG A 404 10.81 -24.85 4.66
C ARG A 404 11.56 -24.39 5.90
N VAL A 405 12.89 -24.36 5.81
CA VAL A 405 13.70 -23.80 6.88
C VAL A 405 14.40 -22.56 6.38
N SER A 406 14.14 -21.43 7.05
CA SER A 406 14.78 -20.17 6.68
C SER A 406 16.22 -20.12 7.17
N ALA A 407 17.09 -19.47 6.40
CA ALA A 407 18.48 -19.30 6.77
C ALA A 407 18.76 -17.92 7.38
N PHE A 408 17.72 -17.10 7.50
CA PHE A 408 17.89 -15.79 8.12
C PHE A 408 18.00 -15.98 9.62
N GLY A 409 19.15 -15.61 10.18
CA GLY A 409 19.37 -15.68 11.61
C GLY A 409 20.78 -15.24 11.93
N HIS A 410 21.00 -14.86 13.19
CA HIS A 410 22.36 -14.67 13.67
C HIS A 410 23.12 -15.99 13.54
N ARG A 411 24.42 -15.89 13.29
CA ARG A 411 25.24 -17.07 13.05
C ARG A 411 25.12 -18.08 14.20
N GLU A 412 25.23 -17.62 15.43
CA GLU A 412 25.15 -18.52 16.58
C GLU A 412 23.79 -19.21 16.70
N ASN A 413 22.73 -18.51 16.30
CA ASN A 413 21.40 -19.10 16.30
C ASN A 413 21.21 -20.18 15.23
N ILE A 414 21.83 -19.98 14.08
CA ILE A 414 21.83 -20.99 13.03
C ILE A 414 22.59 -22.22 13.50
N LEU A 415 23.78 -22.00 14.06
CA LEU A 415 24.59 -23.11 14.57
C LEU A 415 23.84 -23.89 15.65
N GLU A 416 23.21 -23.16 16.57
CA GLU A 416 22.43 -23.79 17.64
C GLU A 416 21.22 -24.57 17.12
N ALA A 417 20.46 -23.97 16.19
CA ALA A 417 19.32 -24.68 15.63
C ALA A 417 19.78 -25.98 14.99
N CYS A 418 20.91 -25.93 14.29
CA CYS A 418 21.41 -27.12 13.60
C CYS A 418 21.86 -28.20 14.60
N ARG A 419 22.50 -27.78 15.70
CA ARG A 419 22.87 -28.78 16.71
C ARG A 419 21.62 -29.43 17.32
N ARG A 420 20.54 -28.65 17.46
CA ARG A 420 19.25 -29.17 17.92
C ARG A 420 18.61 -30.14 16.92
N PHE A 421 18.71 -29.84 15.63
CA PHE A 421 18.21 -30.75 14.61
C PHE A 421 18.95 -32.09 14.65
N LYS A 422 20.27 -32.02 14.79
CA LYS A 422 21.10 -33.23 14.84
C LYS A 422 20.72 -34.11 16.04
N GLN A 423 20.42 -33.48 17.18
CA GLN A 423 19.93 -34.20 18.36
C GLN A 423 18.56 -34.86 18.16
N LEU A 424 17.66 -34.16 17.48
CA LEU A 424 16.32 -34.66 17.23
C LEU A 424 16.31 -35.84 16.27
N TYR A 425 17.12 -35.75 15.21
CA TYR A 425 16.95 -36.64 14.07
C TYR A 425 18.05 -37.69 13.89
N LYS A 426 18.95 -37.79 14.86
CA LYS A 426 20.06 -38.75 14.82
C LYS A 426 19.69 -40.22 14.54
N HIS A 427 18.54 -40.68 15.05
CA HIS A 427 18.14 -42.09 14.89
C HIS A 427 17.28 -42.40 13.68
N HIS A 428 17.12 -41.42 12.78
CA HIS A 428 16.25 -41.61 11.62
C HIS A 428 16.92 -42.31 10.43
N HIS A 429 18.22 -42.08 10.25
CA HIS A 429 18.98 -42.67 9.15
C HIS A 429 20.38 -43.07 9.62
N GLU B 19 1.99 -5.91 -34.11
CA GLU B 19 2.37 -6.01 -32.67
C GLU B 19 1.63 -7.15 -32.00
N TYR B 20 2.32 -7.83 -31.11
CA TYR B 20 1.75 -8.90 -30.34
C TYR B 20 0.89 -8.31 -29.22
N LYS B 21 -0.27 -8.93 -28.98
CA LYS B 21 -1.11 -8.63 -27.83
C LYS B 21 -1.45 -9.94 -27.12
N THR B 22 -1.57 -9.89 -25.80
CA THR B 22 -2.03 -11.07 -25.06
C THR B 22 -3.51 -11.34 -25.33
N LYS B 23 -4.03 -12.40 -24.73
CA LYS B 23 -5.47 -12.67 -24.83
C LYS B 23 -6.16 -12.34 -23.51
N VAL B 24 -5.49 -11.55 -22.66
CA VAL B 24 -6.08 -11.18 -21.37
C VAL B 24 -6.97 -9.98 -21.58
N SER B 25 -8.23 -10.10 -21.15
CA SER B 25 -9.17 -9.01 -21.24
C SER B 25 -8.85 -7.94 -20.22
N ARG B 26 -8.77 -6.71 -20.69
CA ARG B 26 -8.58 -5.56 -19.80
C ARG B 26 -9.70 -5.56 -18.77
N ASN B 27 -9.37 -5.20 -17.53
CA ASN B 27 -10.38 -5.08 -16.47
C ASN B 27 -11.42 -4.05 -16.88
N SER B 28 -12.68 -4.48 -17.00
CA SER B 28 -13.73 -3.59 -17.47
C SER B 28 -13.99 -2.43 -16.50
N ASN B 29 -13.58 -2.59 -15.24
CA ASN B 29 -13.71 -1.48 -14.29
C ASN B 29 -12.73 -0.35 -14.57
N MET B 30 -11.54 -0.71 -15.06
CA MET B 30 -10.55 0.31 -15.44
C MET B 30 -11.04 1.11 -16.64
N SER B 31 -11.72 0.43 -17.57
CA SER B 31 -12.27 1.08 -18.76
C SER B 31 -13.33 2.11 -18.40
N LYS B 32 -13.99 1.91 -17.26
CA LYS B 32 -15.07 2.81 -16.83
C LYS B 32 -14.58 4.21 -16.50
N LEU B 33 -13.35 4.32 -15.99
CA LEU B 33 -12.84 5.61 -15.52
C LEU B 33 -12.82 6.65 -16.62
N GLN B 34 -13.33 7.83 -16.32
CA GLN B 34 -13.59 8.82 -17.37
C GLN B 34 -12.32 9.53 -17.84
N ALA B 35 -11.36 9.67 -16.94
CA ALA B 35 -10.09 10.32 -17.25
C ALA B 35 -9.08 9.79 -16.24
N GLY B 36 -7.88 10.36 -16.25
CA GLY B 36 -6.87 10.04 -15.24
C GLY B 36 -7.27 10.59 -13.88
N TYR B 37 -6.55 10.15 -12.86
CA TYR B 37 -6.75 10.68 -11.51
C TYR B 37 -6.47 12.19 -11.50
N LEU B 38 -7.25 12.95 -10.75
CA LEU B 38 -7.19 14.42 -10.79
C LEU B 38 -5.81 15.02 -10.57
N PHE B 39 -5.12 14.61 -9.50
CA PHE B 39 -3.94 15.37 -9.09
C PHE B 39 -2.75 15.22 -10.02
N PRO B 40 -2.52 14.01 -10.57
CA PRO B 40 -1.49 13.92 -11.61
C PRO B 40 -1.83 14.73 -12.85
N GLU B 41 -3.12 14.90 -13.15
CA GLU B 41 -3.50 15.75 -14.29
C GLU B 41 -3.12 17.21 -14.00
N ILE B 42 -3.32 17.65 -12.76
CA ILE B 42 -2.90 18.99 -12.37
C ILE B 42 -1.37 19.15 -12.47
N ALA B 43 -0.64 18.13 -12.01
CA ALA B 43 0.82 18.15 -12.08
C ALA B 43 1.29 18.23 -13.54
N ARG B 44 0.59 17.51 -14.42
CA ARG B 44 0.84 17.47 -15.87
C ARG B 44 0.64 18.85 -16.49
N ARG B 45 -0.43 19.52 -16.09
CA ARG B 45 -0.71 20.86 -16.61
C ARG B 45 0.33 21.88 -16.13
N ARG B 46 0.76 21.73 -14.88
CA ARG B 46 1.83 22.56 -14.35
C ARG B 46 3.11 22.35 -15.17
N SER B 47 3.44 21.09 -15.43
CA SER B 47 4.63 20.74 -16.19
C SER B 47 4.57 21.27 -17.61
N ALA B 48 3.40 21.19 -18.23
CA ALA B 48 3.20 21.70 -19.59
C ALA B 48 3.41 23.22 -19.61
N HIS B 49 2.89 23.88 -18.57
CA HIS B 49 3.04 25.32 -18.45
C HIS B 49 4.51 25.73 -18.37
N LEU B 50 5.28 24.95 -17.63
CA LEU B 50 6.70 25.22 -17.46
C LEU B 50 7.52 24.93 -18.72
N LEU B 51 7.05 24.01 -19.55
CA LEU B 51 7.67 23.81 -20.87
C LEU B 51 7.40 24.99 -21.80
N LYS B 52 6.19 25.54 -21.71
CA LYS B 52 5.77 26.70 -22.49
C LYS B 52 6.57 27.94 -22.05
N TYR B 53 6.70 28.11 -20.73
CA TYR B 53 7.37 29.27 -20.14
C TYR B 53 8.38 28.79 -19.11
N PRO B 54 9.58 28.37 -19.56
CA PRO B 54 10.57 27.76 -18.67
C PRO B 54 11.02 28.62 -17.50
N ASP B 55 10.91 29.95 -17.63
CA ASP B 55 11.38 30.83 -16.57
C ASP B 55 10.23 31.39 -15.72
N ALA B 56 9.03 30.84 -15.90
CA ALA B 56 7.89 31.27 -15.08
C ALA B 56 8.13 30.93 -13.61
N GLN B 57 7.81 31.87 -12.74
CA GLN B 57 7.93 31.65 -11.31
C GLN B 57 6.58 31.14 -10.83
N VAL B 58 6.39 29.84 -11.00
CA VAL B 58 5.11 29.20 -10.73
C VAL B 58 4.94 28.99 -9.22
N ILE B 59 3.75 29.32 -8.73
CA ILE B 59 3.41 29.10 -7.33
C ILE B 59 2.32 28.04 -7.33
N SER B 60 2.57 26.94 -6.61
CA SER B 60 1.68 25.78 -6.68
C SER B 60 0.72 25.76 -5.51
N LEU B 61 -0.54 26.10 -5.77
CA LEU B 61 -1.59 26.03 -4.76
C LEU B 61 -2.74 25.12 -5.22
N GLY B 62 -2.39 24.12 -6.03
CA GLY B 62 -3.35 23.20 -6.57
C GLY B 62 -3.40 22.01 -5.64
N ILE B 63 -2.52 21.05 -5.88
CA ILE B 63 -2.40 19.90 -5.00
C ILE B 63 -2.14 20.40 -3.57
N GLY B 64 -2.84 19.79 -2.61
CA GLY B 64 -2.65 20.10 -1.20
C GLY B 64 -1.39 19.47 -0.67
N ASP B 65 -0.25 20.02 -1.08
CA ASP B 65 1.04 19.48 -0.74
C ASP B 65 1.71 20.38 0.28
N THR B 66 2.04 19.81 1.43
CA THR B 66 2.71 20.57 2.50
C THR B 66 4.06 21.09 2.02
N THR B 67 4.49 22.22 2.56
CA THR B 67 5.68 22.91 2.06
C THR B 67 6.71 23.22 3.14
N GLU B 68 6.26 23.29 4.39
CA GLU B 68 7.16 23.66 5.47
C GLU B 68 7.90 22.44 6.01
N PRO B 69 9.13 22.63 6.53
CA PRO B 69 9.89 21.49 7.02
C PRO B 69 9.20 20.74 8.16
N ILE B 70 9.54 19.47 8.29
CA ILE B 70 9.10 18.68 9.43
C ILE B 70 9.88 19.16 10.65
N PRO B 71 9.18 19.33 11.78
CA PRO B 71 9.85 19.73 13.00
C PRO B 71 11.03 18.80 13.37
N GLU B 72 12.10 19.41 13.85
CA GLU B 72 13.31 18.68 14.23
C GLU B 72 13.09 17.57 15.25
N VAL B 73 12.17 17.77 16.19
CA VAL B 73 11.93 16.72 17.19
C VAL B 73 11.47 15.41 16.52
N ILE B 74 10.72 15.57 15.44
CA ILE B 74 10.16 14.44 14.71
C ILE B 74 11.22 13.84 13.77
N THR B 75 11.92 14.68 13.02
CA THR B 75 12.98 14.15 12.14
C THR B 75 14.12 13.51 12.92
N SER B 76 14.46 14.08 14.09
CA SER B 76 15.51 13.48 14.91
C SER B 76 15.15 12.06 15.33
N ALA B 77 13.87 11.83 15.61
CA ALA B 77 13.40 10.49 15.96
C ALA B 77 13.53 9.51 14.81
N MET B 78 13.23 9.98 13.59
CA MET B 78 13.39 9.15 12.40
C MET B 78 14.86 8.85 12.10
N ALA B 79 15.72 9.87 12.22
CA ALA B 79 17.15 9.67 12.05
C ALA B 79 17.71 8.69 13.08
N LYS B 80 17.25 8.81 14.33
CA LYS B 80 17.66 7.89 15.38
C LYS B 80 17.27 6.45 15.03
N LYS B 81 16.04 6.25 14.55
CA LYS B 81 15.63 4.91 14.15
C LYS B 81 16.50 4.38 13.01
N ALA B 82 16.79 5.23 12.03
CA ALA B 82 17.65 4.80 10.93
C ALA B 82 19.01 4.35 11.46
N HIS B 83 19.61 5.13 12.36
CA HIS B 83 20.89 4.72 12.94
C HIS B 83 20.78 3.42 13.71
N GLU B 84 19.71 3.28 14.49
CA GLU B 84 19.47 2.06 15.25
C GLU B 84 19.42 0.80 14.36
N LEU B 85 18.90 0.95 13.14
CA LEU B 85 18.80 -0.18 12.22
C LEU B 85 20.15 -0.73 11.75
N SER B 86 21.22 0.04 11.96
CA SER B 86 22.58 -0.45 11.67
C SER B 86 23.28 -1.10 12.87
N THR B 87 22.55 -1.29 13.97
CA THR B 87 23.12 -1.93 15.16
C THR B 87 22.43 -3.26 15.44
N ILE B 88 23.12 -4.16 16.14
CA ILE B 88 22.55 -5.47 16.48
C ILE B 88 21.32 -5.34 17.35
N GLU B 89 21.44 -4.55 18.41
CA GLU B 89 20.37 -4.35 19.38
C GLU B 89 19.19 -3.60 18.78
N GLY B 90 19.46 -2.66 17.88
CA GLY B 90 18.42 -1.76 17.39
C GLY B 90 17.77 -2.19 16.09
N TYR B 91 18.31 -3.21 15.44
CA TYR B 91 17.74 -3.68 14.18
C TYR B 91 16.37 -4.33 14.41
N SER B 92 15.42 -4.02 13.52
CA SER B 92 14.15 -4.75 13.48
C SER B 92 13.76 -4.98 12.03
N GLY B 93 13.13 -6.12 11.78
CA GLY B 93 12.68 -6.53 10.44
C GLY B 93 11.21 -6.27 10.23
N TYR B 94 10.48 -7.29 9.80
CA TYR B 94 9.04 -7.16 9.62
C TYR B 94 8.42 -6.63 10.90
N GLY B 95 7.49 -5.69 10.74
CA GLY B 95 6.68 -5.27 11.88
C GLY B 95 5.34 -5.95 11.75
N ALA B 96 4.56 -5.95 12.83
CA ALA B 96 3.16 -6.36 12.71
C ALA B 96 2.46 -5.46 11.69
N GLU B 97 1.74 -6.06 10.72
CA GLU B 97 1.09 -5.27 9.67
C GLU B 97 0.17 -4.19 10.23
N GLN B 98 -0.40 -4.45 11.42
CA GLN B 98 -1.28 -3.48 12.10
C GLN B 98 -0.55 -2.27 12.71
N GLY B 99 0.77 -2.38 12.85
CA GLY B 99 1.56 -1.29 13.43
C GLY B 99 2.06 -1.61 14.82
N ALA B 100 3.18 -0.97 15.18
CA ALA B 100 3.79 -1.12 16.50
C ALA B 100 2.79 -0.84 17.60
N LYS B 101 2.77 -1.69 18.63
CA LYS B 101 1.80 -1.51 19.71
C LYS B 101 1.90 -0.14 20.40
N PRO B 102 3.11 0.36 20.70
CA PRO B 102 3.17 1.67 21.36
C PRO B 102 2.61 2.79 20.48
N LEU B 103 2.74 2.66 19.16
CA LEU B 103 2.16 3.66 18.27
C LEU B 103 0.63 3.54 18.22
N ARG B 104 0.12 2.32 18.15
CA ARG B 104 -1.34 2.13 18.18
C ARG B 104 -1.90 2.68 19.49
N ALA B 105 -1.19 2.44 20.60
CA ALA B 105 -1.62 2.95 21.91
C ALA B 105 -1.60 4.47 21.94
N ALA B 106 -0.55 5.08 21.40
CA ALA B 106 -0.45 6.53 21.39
C ALA B 106 -1.56 7.18 20.55
N ILE B 107 -1.87 6.59 19.39
CA ILE B 107 -2.96 7.10 18.56
C ILE B 107 -4.28 6.96 19.32
N ALA B 108 -4.52 5.77 19.88
CA ALA B 108 -5.78 5.50 20.56
C ALA B 108 -5.99 6.50 21.70
N LYS B 109 -4.96 6.77 22.49
CA LYS B 109 -5.16 7.69 23.62
C LYS B 109 -5.19 9.16 23.20
N THR B 110 -4.31 9.54 22.28
CA THR B 110 -4.19 10.94 21.93
C THR B 110 -5.45 11.45 21.25
N PHE B 111 -5.93 10.71 20.25
CA PHE B 111 -7.06 11.17 19.46
C PHE B 111 -8.42 10.61 19.88
N TYR B 112 -8.41 9.52 20.64
CA TYR B 112 -9.67 8.84 20.96
C TYR B 112 -9.85 8.50 22.42
N GLY B 113 -9.04 9.12 23.29
CA GLY B 113 -9.13 8.86 24.73
C GLY B 113 -10.51 9.27 25.22
N GLY B 114 -11.19 8.37 25.92
CA GLY B 114 -12.55 8.64 26.41
C GLY B 114 -13.65 8.29 25.43
N LEU B 115 -13.25 7.83 24.24
CA LEU B 115 -14.21 7.44 23.22
C LEU B 115 -14.36 5.93 23.07
N GLY B 116 -13.73 5.15 23.95
CA GLY B 116 -13.92 3.70 23.96
C GLY B 116 -13.22 2.99 22.82
N ILE B 117 -12.10 3.56 22.37
CA ILE B 117 -11.28 2.98 21.32
C ILE B 117 -10.05 2.31 21.93
N GLY B 118 -9.88 1.03 21.64
CA GLY B 118 -8.76 0.26 22.14
C GLY B 118 -7.59 0.26 21.18
N ASP B 119 -6.41 -0.08 21.68
CA ASP B 119 -5.20 -0.16 20.87
C ASP B 119 -5.35 -1.13 19.72
N ASP B 120 -6.13 -2.18 19.94
CA ASP B 120 -6.34 -3.19 18.92
C ASP B 120 -7.35 -2.77 17.83
N ASP B 121 -8.01 -1.62 18.02
CA ASP B 121 -8.96 -1.08 17.05
C ASP B 121 -8.25 -0.19 16.03
N VAL B 122 -6.97 0.10 16.29
CA VAL B 122 -6.19 1.02 15.45
C VAL B 122 -5.31 0.21 14.50
N PHE B 123 -5.35 0.60 13.22
CA PHE B 123 -4.52 -0.04 12.21
C PHE B 123 -3.64 1.03 11.56
N VAL B 124 -2.33 0.93 11.76
CA VAL B 124 -1.37 1.90 11.21
C VAL B 124 -1.12 1.63 9.74
N SER B 125 -1.23 2.67 8.92
CA SER B 125 -1.11 2.58 7.47
C SER B 125 0.06 3.44 6.99
N ASP B 126 0.35 3.30 5.69
CA ASP B 126 1.23 4.26 5.02
C ASP B 126 0.43 5.40 4.43
N GLY B 127 -0.76 5.68 4.99
CA GLY B 127 -1.52 6.87 4.65
C GLY B 127 -2.99 6.61 4.35
N ALA B 128 -3.78 7.67 4.46
CA ALA B 128 -5.23 7.56 4.34
C ALA B 128 -5.67 7.17 2.94
N LYS B 129 -5.01 7.70 1.91
CA LYS B 129 -5.37 7.30 0.54
C LYS B 129 -5.26 5.78 0.36
N CYS B 130 -4.22 5.20 0.95
CA CYS B 130 -3.97 3.78 0.81
C CYS B 130 -5.01 2.99 1.57
N ASP B 131 -5.37 3.47 2.75
CA ASP B 131 -6.44 2.82 3.52
C ASP B 131 -7.78 2.86 2.82
N ILE B 132 -8.09 3.98 2.17
CA ILE B 132 -9.36 4.07 1.42
C ILE B 132 -9.44 2.91 0.44
N SER B 133 -8.37 2.65 -0.30
CA SER B 133 -8.41 1.57 -1.27
C SER B 133 -8.38 0.17 -0.64
N ARG B 134 -7.68 -0.01 0.48
CA ARG B 134 -7.70 -1.31 1.12
C ARG B 134 -9.06 -1.60 1.71
N LEU B 135 -9.71 -0.56 2.26
CA LEU B 135 -11.09 -0.73 2.74
C LEU B 135 -12.02 -1.13 1.59
N GLN B 136 -11.78 -0.54 0.41
CA GLN B 136 -12.62 -0.86 -0.76
C GLN B 136 -12.42 -2.28 -1.27
N VAL B 137 -11.17 -2.76 -1.23
CA VAL B 137 -10.92 -4.19 -1.50
C VAL B 137 -11.70 -5.04 -0.49
N MET B 138 -11.66 -4.65 0.78
CA MET B 138 -12.36 -5.38 1.84
C MET B 138 -13.86 -5.39 1.61
N PHE B 139 -14.44 -4.23 1.36
CA PHE B 139 -15.89 -4.15 1.11
C PHE B 139 -16.27 -4.96 -0.13
N GLY B 140 -15.44 -4.87 -1.15
CA GLY B 140 -15.66 -5.62 -2.38
C GLY B 140 -16.63 -5.01 -3.37
N SER B 141 -16.93 -5.78 -4.40
CA SER B 141 -17.62 -5.23 -5.58
C SER B 141 -19.13 -5.08 -5.41
N ASN B 142 -19.69 -5.73 -4.40
CA ASN B 142 -21.15 -5.85 -4.26
C ASN B 142 -21.80 -4.81 -3.35
N VAL B 143 -21.02 -3.86 -2.85
CA VAL B 143 -21.60 -2.79 -2.03
C VAL B 143 -21.92 -1.57 -2.88
N THR B 144 -22.86 -0.75 -2.41
CA THR B 144 -23.17 0.54 -3.01
C THR B 144 -22.62 1.65 -2.12
N ILE B 145 -22.20 2.75 -2.71
CA ILE B 145 -21.63 3.83 -1.92
C ILE B 145 -22.34 5.18 -2.09
N ALA B 146 -22.25 6.00 -1.05
CA ALA B 146 -22.64 7.40 -1.10
C ALA B 146 -21.41 8.26 -0.83
N VAL B 147 -21.33 9.41 -1.49
CA VAL B 147 -20.25 10.36 -1.24
C VAL B 147 -20.82 11.76 -1.15
N GLN B 148 -20.11 12.65 -0.45
CA GLN B 148 -20.44 14.08 -0.54
C GLN B 148 -20.13 14.53 -1.96
N ASP B 149 -20.92 15.49 -2.45
CA ASP B 149 -20.70 16.06 -3.77
C ASP B 149 -20.63 17.59 -3.60
N PRO B 150 -19.42 18.17 -3.63
CA PRO B 150 -18.13 17.58 -4.02
C PRO B 150 -17.38 16.83 -2.90
N SER B 151 -16.40 16.03 -3.30
CA SER B 151 -15.49 15.41 -2.33
C SER B 151 -14.18 14.98 -3.00
N TYR B 152 -13.18 14.77 -2.16
CA TYR B 152 -11.89 14.19 -2.54
C TYR B 152 -12.11 13.00 -3.48
N PRO B 153 -11.49 13.04 -4.68
CA PRO B 153 -11.92 12.10 -5.73
C PRO B 153 -11.53 10.64 -5.55
N ALA B 154 -10.67 10.33 -4.58
CA ALA B 154 -10.29 8.92 -4.37
C ALA B 154 -11.48 8.04 -3.98
N TYR B 155 -12.49 8.59 -3.30
CA TYR B 155 -13.60 7.72 -2.87
C TYR B 155 -14.32 7.18 -4.09
N VAL B 156 -14.69 8.08 -5.00
CA VAL B 156 -15.39 7.69 -6.21
C VAL B 156 -14.51 6.80 -7.09
N ASP B 157 -13.26 7.21 -7.30
CA ASP B 157 -12.44 6.44 -8.25
C ASP B 157 -12.14 5.03 -7.73
N SER B 158 -11.94 4.88 -6.43
CA SER B 158 -11.69 3.55 -5.86
C SER B 158 -12.95 2.67 -5.98
N SER B 159 -14.12 3.30 -5.86
CA SER B 159 -15.40 2.61 -6.04
C SER B 159 -15.53 2.06 -7.47
N VAL B 160 -15.17 2.89 -8.44
CA VAL B 160 -15.23 2.51 -9.85
C VAL B 160 -14.28 1.34 -10.10
N ILE B 161 -13.06 1.46 -9.57
CA ILE B 161 -12.05 0.43 -9.75
C ILE B 161 -12.52 -0.92 -9.19
N MET B 162 -13.19 -0.90 -8.05
CA MET B 162 -13.62 -2.12 -7.40
C MET B 162 -14.88 -2.75 -7.97
N GLY B 163 -15.51 -2.04 -8.92
CA GLY B 163 -16.65 -2.57 -9.66
C GLY B 163 -17.98 -2.32 -8.96
N GLN B 164 -17.99 -1.31 -8.10
CA GLN B 164 -19.20 -0.95 -7.36
C GLN B 164 -20.13 -0.03 -8.12
N THR B 165 -19.78 0.27 -9.36
CA THR B 165 -20.45 1.36 -10.10
C THR B 165 -20.83 0.94 -11.50
N GLY B 166 -21.64 1.78 -12.14
CA GLY B 166 -21.83 1.69 -13.58
C GLY B 166 -20.91 2.65 -14.31
N GLN B 167 -21.26 2.95 -15.55
CA GLN B 167 -20.46 3.82 -16.38
C GLN B 167 -20.61 5.29 -16.01
N PHE B 168 -19.69 6.10 -16.51
CA PHE B 168 -19.79 7.55 -16.35
C PHE B 168 -20.87 8.12 -17.27
N ASN B 169 -21.79 8.87 -16.69
CA ASN B 169 -22.87 9.52 -17.44
C ASN B 169 -22.46 10.97 -17.67
N THR B 170 -22.25 11.36 -18.92
CA THR B 170 -21.71 12.68 -19.23
C THR B 170 -22.75 13.81 -19.11
N ASP B 171 -24.04 13.45 -19.14
CA ASP B 171 -25.12 14.44 -18.95
C ASP B 171 -25.04 15.05 -17.56
N VAL B 172 -24.83 14.19 -16.56
CA VAL B 172 -24.86 14.62 -15.17
C VAL B 172 -23.47 14.61 -14.53
N GLN B 173 -22.48 14.10 -15.28
CA GLN B 173 -21.10 13.98 -14.81
C GLN B 173 -20.99 13.11 -13.54
N LYS B 174 -21.63 11.95 -13.57
CA LYS B 174 -21.68 11.06 -12.43
C LYS B 174 -21.49 9.63 -12.88
N TYR B 175 -20.82 8.81 -12.06
CA TYR B 175 -20.80 7.38 -12.31
C TYR B 175 -22.10 6.80 -11.80
N GLY B 176 -22.67 5.86 -12.56
CA GLY B 176 -23.90 5.19 -12.15
C GLY B 176 -23.75 4.42 -10.86
N ASN B 177 -24.84 4.36 -10.09
CA ASN B 177 -24.93 3.54 -8.88
C ASN B 177 -24.23 4.15 -7.66
N ILE B 178 -23.71 5.37 -7.81
CA ILE B 178 -23.16 6.14 -6.69
C ILE B 178 -24.18 7.19 -6.26
N GLU B 179 -24.44 7.24 -4.96
CA GLU B 179 -25.31 8.27 -4.40
C GLU B 179 -24.48 9.52 -4.12
N TYR B 180 -24.65 10.54 -4.95
CA TYR B 180 -23.94 11.79 -4.78
C TYR B 180 -24.79 12.73 -3.93
N MET B 181 -24.34 12.97 -2.70
CA MET B 181 -25.09 13.77 -1.75
C MET B 181 -24.77 15.25 -1.95
N ARG B 182 -25.77 16.00 -2.40
CA ARG B 182 -25.57 17.39 -2.79
C ARG B 182 -25.25 18.29 -1.59
N CYS B 183 -24.10 18.94 -1.64
CA CYS B 183 -23.63 19.87 -0.61
C CYS B 183 -23.37 21.24 -1.24
N THR B 184 -24.10 22.24 -0.78
CA THR B 184 -24.11 23.55 -1.44
C THR B 184 -23.98 24.69 -0.42
N PRO B 185 -23.57 25.89 -0.88
CA PRO B 185 -23.59 27.03 0.02
C PRO B 185 -24.94 27.15 0.73
N GLU B 186 -26.03 26.97 -0.01
CA GLU B 186 -27.39 27.14 0.54
C GLU B 186 -27.79 26.13 1.62
N ASN B 187 -27.21 24.93 1.60
CA ASN B 187 -27.49 23.97 2.68
C ASN B 187 -26.37 23.86 3.70
N GLY B 188 -25.43 24.81 3.66
CA GLY B 188 -24.26 24.82 4.55
C GLY B 188 -23.29 23.68 4.28
N PHE B 189 -23.33 23.16 3.06
CA PHE B 189 -22.47 22.07 2.61
C PHE B 189 -22.70 20.76 3.36
N PHE B 190 -23.89 20.60 3.90
CA PHE B 190 -24.29 19.35 4.52
C PHE B 190 -25.57 18.89 3.84
N PRO B 191 -25.62 17.61 3.42
CA PRO B 191 -26.77 17.20 2.60
C PRO B 191 -28.10 17.11 3.35
N ASP B 192 -29.18 17.26 2.60
CA ASP B 192 -30.51 17.00 3.12
C ASP B 192 -30.71 15.48 3.11
N LEU B 193 -30.55 14.86 4.28
CA LEU B 193 -30.54 13.40 4.35
C LEU B 193 -31.88 12.76 4.00
N SER B 194 -32.95 13.55 4.06
CA SER B 194 -34.27 13.07 3.63
C SER B 194 -34.31 12.79 2.13
N THR B 195 -33.36 13.36 1.39
CA THR B 195 -33.29 13.20 -0.07
C THR B 195 -32.23 12.18 -0.48
N VAL B 196 -31.53 11.60 0.49
CA VAL B 196 -30.42 10.71 0.17
C VAL B 196 -30.88 9.27 0.19
N GLY B 197 -30.65 8.56 -0.91
CA GLY B 197 -31.02 7.15 -1.00
C GLY B 197 -30.13 6.26 -0.13
N ARG B 198 -30.66 5.12 0.29
CA ARG B 198 -29.89 4.15 1.08
C ARG B 198 -28.72 3.54 0.27
N THR B 199 -27.55 3.44 0.91
CA THR B 199 -26.40 2.75 0.34
C THR B 199 -25.78 1.89 1.44
N ASP B 200 -24.86 1.01 1.07
CA ASP B 200 -24.14 0.25 2.07
C ASP B 200 -23.11 1.12 2.80
N ILE B 201 -22.33 1.88 2.02
CA ILE B 201 -21.24 2.67 2.58
C ILE B 201 -21.54 4.15 2.37
N ILE B 202 -21.17 4.97 3.34
CA ILE B 202 -21.23 6.44 3.20
C ILE B 202 -19.81 6.96 3.49
N PHE B 203 -19.15 7.50 2.48
CA PHE B 203 -17.86 8.14 2.68
C PHE B 203 -18.16 9.56 3.09
N PHE B 204 -17.63 9.97 4.25
CA PHE B 204 -17.91 11.30 4.74
C PHE B 204 -16.65 11.94 5.30
N CYS B 205 -16.30 13.07 4.72
CA CYS B 205 -15.09 13.78 5.07
C CYS B 205 -15.45 15.07 5.84
N SER B 206 -14.86 15.25 7.02
CA SER B 206 -15.10 16.44 7.83
C SER B 206 -13.84 16.78 8.63
N PRO B 207 -13.28 17.99 8.46
CA PRO B 207 -13.67 19.02 7.50
C PRO B 207 -13.61 18.47 6.07
N ASN B 208 -14.60 18.81 5.26
CA ASN B 208 -14.68 18.29 3.90
C ASN B 208 -13.61 18.91 3.02
N ASN B 209 -13.04 18.09 2.16
CA ASN B 209 -12.21 18.56 1.06
C ASN B 209 -13.07 18.35 -0.19
N PRO B 210 -13.39 19.42 -0.94
CA PRO B 210 -12.77 20.73 -1.05
C PRO B 210 -13.49 21.92 -0.41
N THR B 211 -14.66 21.73 0.19
CA THR B 211 -15.46 22.88 0.63
C THR B 211 -14.97 23.51 1.93
N GLY B 212 -14.21 22.75 2.71
CA GLY B 212 -13.74 23.18 4.03
C GLY B 212 -14.77 22.99 5.15
N ALA B 213 -15.98 22.55 4.78
CA ALA B 213 -17.09 22.49 5.73
C ALA B 213 -16.88 21.43 6.81
N ALA B 214 -16.97 21.85 8.06
CA ALA B 214 -16.92 20.92 9.17
C ALA B 214 -18.32 20.66 9.71
N ALA B 215 -18.72 19.39 9.73
CA ALA B 215 -20.03 19.04 10.26
C ALA B 215 -20.12 19.36 11.76
N THR B 216 -21.26 19.93 12.16
CA THR B 216 -21.52 20.20 13.57
C THR B 216 -21.88 18.91 14.31
N ARG B 217 -21.90 18.98 15.63
CA ARG B 217 -22.33 17.82 16.44
C ARG B 217 -23.76 17.38 16.05
N GLU B 218 -24.63 18.35 15.83
CA GLU B 218 -26.01 18.11 15.44
C GLU B 218 -26.06 17.37 14.09
N GLN B 219 -25.27 17.83 13.13
CA GLN B 219 -25.23 17.22 11.80
C GLN B 219 -24.65 15.81 11.85
N LEU B 220 -23.56 15.62 12.60
CA LEU B 220 -22.98 14.28 12.73
C LEU B 220 -23.95 13.32 13.43
N THR B 221 -24.71 13.85 14.38
CA THR B 221 -25.75 13.07 15.04
C THR B 221 -26.80 12.61 14.03
N GLN B 222 -27.21 13.53 13.15
CA GLN B 222 -28.11 13.17 12.05
C GLN B 222 -27.51 12.07 11.20
N LEU B 223 -26.22 12.22 10.88
CA LEU B 223 -25.54 11.26 10.00
C LEU B 223 -25.50 9.86 10.60
N VAL B 224 -25.16 9.78 11.89
CA VAL B 224 -25.12 8.50 12.60
C VAL B 224 -26.53 7.89 12.67
N GLU B 225 -27.52 8.71 12.98
CA GLU B 225 -28.90 8.23 13.03
C GLU B 225 -29.38 7.69 11.68
N PHE B 226 -28.99 8.38 10.60
CA PHE B 226 -29.30 7.98 9.22
C PHE B 226 -28.63 6.65 8.89
N ALA B 227 -27.35 6.53 9.22
CA ALA B 227 -26.64 5.26 9.01
C ALA B 227 -27.22 4.12 9.82
N LYS B 228 -27.62 4.39 11.07
CA LYS B 228 -28.21 3.34 11.90
C LYS B 228 -29.53 2.84 11.32
N LYS B 229 -30.38 3.76 10.89
CA LYS B 229 -31.67 3.35 10.37
C LYS B 229 -31.53 2.59 9.05
N ASN B 230 -30.56 3.02 8.24
CA ASN B 230 -30.29 2.39 6.95
C ASN B 230 -29.38 1.18 7.03
N GLY B 231 -28.78 0.93 8.19
CA GLY B 231 -27.85 -0.18 8.36
C GLY B 231 -26.61 0.01 7.49
N SER B 232 -26.12 1.25 7.44
CA SER B 232 -24.96 1.61 6.60
C SER B 232 -23.70 1.70 7.44
N ILE B 233 -22.57 1.64 6.74
CA ILE B 233 -21.27 1.87 7.35
C ILE B 233 -20.76 3.23 6.89
N ILE B 234 -20.43 4.09 7.86
CA ILE B 234 -19.80 5.38 7.55
C ILE B 234 -18.28 5.21 7.56
N VAL B 235 -17.63 5.68 6.49
CA VAL B 235 -16.17 5.79 6.48
C VAL B 235 -15.88 7.26 6.65
N TYR B 236 -15.46 7.61 7.85
CA TYR B 236 -15.25 9.00 8.22
C TYR B 236 -13.80 9.40 8.04
N ASP B 237 -13.55 10.35 7.15
CA ASP B 237 -12.21 10.80 6.84
C ASP B 237 -11.91 12.09 7.59
N SER B 238 -11.03 12.01 8.58
CA SER B 238 -10.75 13.15 9.44
C SER B 238 -9.36 13.73 9.17
N ALA B 239 -8.88 13.57 7.94
CA ALA B 239 -7.53 14.03 7.52
C ALA B 239 -7.20 15.50 7.83
N TYR B 240 -8.22 16.36 7.93
CA TYR B 240 -8.00 17.78 8.24
C TYR B 240 -8.55 18.21 9.60
N ALA B 241 -8.94 17.24 10.43
CA ALA B 241 -9.64 17.58 11.66
C ALA B 241 -8.83 18.46 12.62
N MET B 242 -7.52 18.34 12.64
CA MET B 242 -6.74 19.19 13.57
C MET B 242 -6.70 20.65 13.13
N TYR B 243 -7.28 20.95 11.96
CA TYR B 243 -7.42 22.32 11.47
C TYR B 243 -8.70 22.98 11.99
N MET B 244 -9.50 22.22 12.73
CA MET B 244 -10.76 22.74 13.26
C MET B 244 -10.53 23.98 14.11
N SER B 245 -11.32 25.02 13.85
CA SER B 245 -11.36 26.22 14.69
C SER B 245 -12.68 26.32 15.42
N ASP B 246 -13.78 26.07 14.72
CA ASP B 246 -15.11 26.01 15.35
C ASP B 246 -15.15 24.87 16.37
N ASP B 247 -16.05 24.95 17.33
CA ASP B 247 -16.16 23.89 18.35
C ASP B 247 -17.04 22.76 17.82
N ASN B 248 -16.47 21.97 16.91
CA ASN B 248 -17.15 20.83 16.30
C ASN B 248 -16.38 19.56 16.62
N PRO B 249 -17.07 18.42 16.60
CA PRO B 249 -16.35 17.17 16.84
C PRO B 249 -15.27 16.94 15.80
N ARG B 250 -14.16 16.40 16.26
CA ARG B 250 -13.06 16.03 15.39
C ARG B 250 -13.05 14.55 15.06
N SER B 251 -13.73 13.73 15.84
CA SER B 251 -13.89 12.31 15.55
C SER B 251 -15.35 11.93 15.50
N ILE B 252 -15.71 11.07 14.56
CA ILE B 252 -17.07 10.54 14.49
C ILE B 252 -17.42 9.79 15.79
N PHE B 253 -16.41 9.27 16.50
CA PHE B 253 -16.67 8.49 17.70
C PHE B 253 -17.14 9.33 18.89
N GLU B 254 -17.06 10.64 18.74
CA GLU B 254 -17.68 11.55 19.71
C GLU B 254 -19.19 11.46 19.69
N ILE B 255 -19.75 10.88 18.63
CA ILE B 255 -21.21 10.73 18.54
C ILE B 255 -21.64 9.38 19.10
N PRO B 256 -22.44 9.38 20.18
CA PRO B 256 -22.87 8.09 20.72
C PRO B 256 -23.61 7.28 19.66
N GLY B 257 -23.23 6.00 19.55
CA GLY B 257 -23.80 5.12 18.52
C GLY B 257 -22.91 4.97 17.30
N ALA B 258 -21.95 5.89 17.13
CA ALA B 258 -21.03 5.80 15.98
C ALA B 258 -20.29 4.47 15.97
N GLU B 259 -20.08 3.89 17.14
CA GLU B 259 -19.32 2.64 17.27
C GLU B 259 -19.99 1.47 16.58
N GLU B 260 -21.29 1.60 16.29
CA GLU B 260 -22.06 0.53 15.65
C GLU B 260 -22.16 0.73 14.15
N VAL B 261 -21.73 1.88 13.65
CA VAL B 261 -21.95 2.19 12.23
C VAL B 261 -20.78 2.87 11.52
N ALA B 262 -19.70 3.15 12.23
CA ALA B 262 -18.65 3.99 11.63
C ALA B 262 -17.24 3.47 11.86
N MET B 263 -16.38 3.76 10.89
CA MET B 263 -14.92 3.69 11.08
C MET B 263 -14.32 5.04 10.73
N GLU B 264 -13.06 5.27 11.10
CA GLU B 264 -12.43 6.56 10.84
C GLU B 264 -11.06 6.36 10.22
N THR B 265 -10.72 7.17 9.23
CA THR B 265 -9.38 7.12 8.64
C THR B 265 -8.77 8.50 8.77
N ALA B 266 -7.47 8.54 9.07
CA ALA B 266 -6.77 9.80 9.24
C ALA B 266 -5.29 9.64 8.89
N SER B 267 -4.53 10.71 9.04
CA SER B 267 -3.16 10.75 8.55
C SER B 267 -2.33 11.77 9.31
N PHE B 268 -1.01 11.57 9.30
CA PHE B 268 -0.06 12.62 9.72
C PHE B 268 0.35 13.57 8.61
N SER B 269 -0.13 13.32 7.39
CA SER B 269 0.28 14.13 6.25
C SER B 269 0.15 15.64 6.49
N ASN B 270 -1.03 16.06 6.93
CA ASN B 270 -1.32 17.48 7.03
C ASN B 270 -0.99 18.07 8.39
N TYR B 271 -0.52 17.21 9.28
CA TYR B 271 -0.22 17.61 10.66
C TYR B 271 1.27 17.76 10.90
N ALA B 272 2.07 16.88 10.29
CA ALA B 272 3.50 16.91 10.49
C ALA B 272 4.26 17.10 9.18
N GLY B 273 3.54 17.26 8.06
CA GLY B 273 4.20 17.36 6.76
C GLY B 273 4.69 16.00 6.28
N PHE B 274 4.01 14.94 6.68
CA PHE B 274 4.35 13.56 6.33
C PHE B 274 3.81 13.11 4.97
N THR B 275 3.49 14.08 4.10
CA THR B 275 2.94 13.76 2.77
C THR B 275 3.88 12.84 2.00
N GLY B 276 5.18 13.02 2.21
CA GLY B 276 6.17 12.15 1.58
C GLY B 276 6.71 11.04 2.46
N VAL B 277 6.52 11.16 3.78
CA VAL B 277 7.02 10.19 4.75
C VAL B 277 6.12 8.96 4.85
N ARG B 278 4.81 9.19 4.78
CA ARG B 278 3.76 8.16 4.67
C ARG B 278 3.40 7.48 6.00
N LEU B 279 2.43 8.05 6.71
CA LEU B 279 1.98 7.40 7.95
C LEU B 279 0.58 7.88 8.25
N GLY B 280 -0.36 6.94 8.33
CA GLY B 280 -1.71 7.28 8.79
C GLY B 280 -2.27 6.14 9.61
N TRP B 281 -3.59 6.13 9.79
CA TRP B 281 -4.22 5.02 10.52
C TRP B 281 -5.71 4.97 10.23
N THR B 282 -6.30 3.82 10.51
CA THR B 282 -7.73 3.65 10.46
C THR B 282 -8.15 3.04 11.79
N VAL B 283 -9.32 3.48 12.27
CA VAL B 283 -9.90 2.94 13.49
C VAL B 283 -11.18 2.24 13.14
N ILE B 284 -11.29 0.96 13.53
CA ILE B 284 -12.52 0.20 13.29
C ILE B 284 -12.96 -0.36 14.63
N PRO B 285 -14.13 0.09 15.12
CA PRO B 285 -14.52 -0.29 16.47
C PRO B 285 -15.05 -1.71 16.55
N LYS B 286 -15.02 -2.27 17.75
CA LYS B 286 -15.43 -3.67 17.98
C LYS B 286 -16.90 -3.94 17.66
N LYS B 287 -17.74 -2.92 17.83
CA LYS B 287 -19.18 -3.08 17.64
C LYS B 287 -19.66 -2.91 16.19
N LEU B 288 -18.73 -2.70 15.25
CA LEU B 288 -19.10 -2.57 13.83
C LEU B 288 -19.19 -3.94 13.18
N LEU B 289 -20.41 -4.35 12.84
CA LEU B 289 -20.65 -5.71 12.38
C LEU B 289 -21.37 -5.73 11.04
N TYR B 290 -21.03 -6.72 10.23
CA TYR B 290 -21.76 -6.99 9.01
C TYR B 290 -23.11 -7.61 9.38
N SER B 291 -23.98 -7.77 8.38
CA SER B 291 -25.34 -8.26 8.60
C SER B 291 -25.40 -9.70 9.15
N ASP B 292 -24.32 -10.46 8.95
CA ASP B 292 -24.22 -11.82 9.51
C ASP B 292 -23.60 -11.84 10.91
N GLY B 293 -23.35 -10.65 11.45
CA GLY B 293 -22.73 -10.48 12.78
C GLY B 293 -21.21 -10.54 12.79
N PHE B 294 -20.60 -10.71 11.62
CA PHE B 294 -19.15 -10.80 11.54
C PHE B 294 -18.50 -9.43 11.73
N PRO B 295 -17.49 -9.34 12.61
CA PRO B 295 -16.87 -8.03 12.85
C PRO B 295 -16.07 -7.53 11.66
N VAL B 296 -16.39 -6.32 11.22
CA VAL B 296 -15.71 -5.70 10.07
C VAL B 296 -14.20 -5.65 10.29
N ALA B 297 -13.78 -5.34 11.52
CA ALA B 297 -12.35 -5.21 11.83
C ALA B 297 -11.58 -6.51 11.55
N LYS B 298 -12.24 -7.67 11.70
CA LYS B 298 -11.57 -8.93 11.46
C LYS B 298 -11.25 -9.12 9.97
N ASP B 299 -12.16 -8.69 9.11
CA ASP B 299 -11.86 -8.73 7.66
C ASP B 299 -10.81 -7.71 7.27
N PHE B 300 -10.84 -6.53 7.90
CA PHE B 300 -9.79 -5.56 7.60
C PHE B 300 -8.43 -6.10 8.01
N ASN B 301 -8.39 -6.77 9.17
CA ASN B 301 -7.16 -7.38 9.62
C ASN B 301 -6.65 -8.40 8.60
N ARG B 302 -7.56 -9.19 8.02
CA ARG B 302 -7.13 -10.17 7.02
C ARG B 302 -6.57 -9.47 5.78
N ILE B 303 -7.22 -8.39 5.34
CA ILE B 303 -6.71 -7.60 4.21
C ILE B 303 -5.32 -7.04 4.51
N ILE B 304 -5.15 -6.50 5.70
CA ILE B 304 -3.90 -5.86 6.12
C ILE B 304 -2.77 -6.89 6.25
N CYS B 305 -3.13 -8.13 6.58
CA CYS B 305 -2.14 -9.20 6.73
C CYS B 305 -1.79 -9.85 5.38
N THR B 306 -2.65 -9.69 4.38
CA THR B 306 -2.50 -10.37 3.11
C THR B 306 -1.99 -9.44 2.00
N CYS B 307 -2.44 -8.18 2.05
CA CYS B 307 -2.21 -7.21 0.98
C CYS B 307 -1.21 -6.11 1.35
N PHE B 308 -0.63 -6.19 2.55
CA PHE B 308 0.19 -5.09 3.10
C PHE B 308 1.27 -5.74 3.97
N ASN B 309 2.39 -5.04 4.14
CA ASN B 309 3.43 -5.53 5.04
C ASN B 309 3.80 -4.53 6.13
N GLY B 310 2.91 -3.58 6.36
CA GLY B 310 3.07 -2.60 7.43
C GLY B 310 3.66 -1.30 6.94
N ALA B 311 3.44 -0.23 7.71
CA ALA B 311 4.05 1.06 7.47
C ALA B 311 5.56 0.99 7.74
N SER B 312 6.32 1.86 7.09
CA SER B 312 7.77 1.90 7.30
C SER B 312 8.11 2.07 8.79
N ASN B 313 9.08 1.30 9.27
CA ASN B 313 9.51 1.38 10.67
C ASN B 313 10.04 2.76 11.05
N ILE B 314 10.69 3.43 10.09
CA ILE B 314 11.16 4.80 10.33
C ILE B 314 9.99 5.77 10.40
N SER B 315 9.00 5.58 9.53
CA SER B 315 7.83 6.45 9.55
C SER B 315 7.08 6.27 10.88
N GLN B 316 6.99 5.02 11.33
CA GLN B 316 6.32 4.74 12.61
C GLN B 316 7.06 5.42 13.76
N ALA B 317 8.38 5.40 13.72
CA ALA B 317 9.15 6.08 14.77
C ALA B 317 8.89 7.58 14.76
N GLY B 318 8.74 8.16 13.56
CA GLY B 318 8.42 9.57 13.43
C GLY B 318 7.06 9.87 14.03
N ALA B 319 6.07 9.04 13.68
CA ALA B 319 4.71 9.20 14.20
C ALA B 319 4.67 9.08 15.73
N LEU B 320 5.43 8.14 16.28
CA LEU B 320 5.50 8.03 17.75
C LEU B 320 6.02 9.32 18.39
N ALA B 321 7.01 9.95 17.76
CA ALA B 321 7.53 11.24 18.26
C ALA B 321 6.55 12.40 18.12
N CYS B 322 5.65 12.33 17.14
CA CYS B 322 4.60 13.33 17.00
C CYS B 322 3.69 13.37 18.23
N LEU B 323 3.45 12.20 18.82
CA LEU B 323 2.45 12.07 19.91
C LEU B 323 3.09 12.14 21.28
N THR B 324 3.80 13.25 21.47
CA THR B 324 4.51 13.60 22.69
C THR B 324 4.24 15.09 22.91
N PRO B 325 4.52 15.61 24.12
CA PRO B 325 4.29 17.04 24.30
C PRO B 325 5.03 17.88 23.25
N GLU B 326 6.29 17.56 22.99
CA GLU B 326 7.09 18.32 22.03
C GLU B 326 6.57 18.15 20.60
N GLY B 327 6.18 16.93 20.28
CA GLY B 327 5.63 16.64 18.94
C GLY B 327 4.30 17.34 18.68
N LEU B 328 3.41 17.29 19.67
CA LEU B 328 2.11 17.96 19.53
C LEU B 328 2.26 19.46 19.45
N GLU B 329 3.20 20.01 20.23
CA GLU B 329 3.46 21.45 20.18
C GLU B 329 3.95 21.83 18.79
N ALA B 330 4.85 21.01 18.25
CA ALA B 330 5.44 21.30 16.94
C ALA B 330 4.38 21.24 15.83
N MET B 331 3.54 20.21 15.87
CA MET B 331 2.44 20.08 14.88
C MET B 331 1.47 21.25 14.97
N HIS B 332 1.15 21.65 16.20
CA HIS B 332 0.26 22.78 16.41
C HIS B 332 0.78 24.04 15.74
N LYS B 333 2.10 24.25 15.83
CA LYS B 333 2.74 25.42 15.26
C LYS B 333 2.65 25.41 13.73
N VAL B 334 2.92 24.25 13.13
CA VAL B 334 2.87 24.09 11.66
C VAL B 334 1.45 24.34 11.19
N ILE B 335 0.49 23.72 11.87
CA ILE B 335 -0.93 23.88 11.55
C ILE B 335 -1.34 25.36 11.63
N GLY B 336 -0.89 26.04 12.68
CA GLY B 336 -1.20 27.45 12.88
C GLY B 336 -0.68 28.32 11.76
N PHE B 337 0.52 27.98 11.29
CA PHE B 337 1.15 28.71 10.19
C PHE B 337 0.29 28.60 8.93
N TYR B 338 -0.13 27.38 8.61
CA TYR B 338 -0.99 27.17 7.45
C TYR B 338 -2.37 27.82 7.60
N LYS B 339 -2.89 27.84 8.83
CA LYS B 339 -4.15 28.52 9.07
C LYS B 339 -4.03 30.03 8.84
N GLU B 340 -2.89 30.63 9.20
CA GLU B 340 -2.64 32.02 8.89
C GLU B 340 -2.58 32.26 7.38
N ASN B 341 -1.93 31.34 6.64
CA ASN B 341 -1.93 31.42 5.17
C ASN B 341 -3.35 31.44 4.64
N THR B 342 -4.22 30.61 5.23
CA THR B 342 -5.58 30.46 4.77
C THR B 342 -6.32 31.79 4.93
N ASN B 343 -6.11 32.46 6.07
CA ASN B 343 -6.72 33.77 6.30
C ASN B 343 -6.34 34.81 5.26
N ILE B 344 -5.04 34.81 4.91
CA ILE B 344 -4.53 35.72 3.85
C ILE B 344 -5.28 35.50 2.54
N ILE B 345 -5.48 34.23 2.17
CA ILE B 345 -6.17 33.89 0.93
C ILE B 345 -7.66 34.26 0.99
N ILE B 346 -8.33 33.95 2.11
CA ILE B 346 -9.73 34.34 2.27
C ILE B 346 -9.89 35.84 2.08
N ASP B 347 -9.05 36.61 2.76
CA ASP B 347 -9.14 38.07 2.72
C ASP B 347 -8.95 38.61 1.31
N THR B 348 -8.01 38.01 0.57
CA THR B 348 -7.77 38.41 -0.82
C THR B 348 -9.02 38.23 -1.68
N PHE B 349 -9.60 37.04 -1.66
CA PHE B 349 -10.76 36.76 -2.51
C PHE B 349 -12.02 37.50 -2.05
N THR B 350 -12.15 37.67 -0.74
CA THR B 350 -13.28 38.43 -0.20
C THR B 350 -13.19 39.90 -0.63
N SER B 351 -11.98 40.47 -0.57
CA SER B 351 -11.82 41.88 -0.96
C SER B 351 -12.04 42.10 -2.46
N LEU B 352 -11.84 41.05 -3.26
CA LEU B 352 -12.07 41.10 -4.70
C LEU B 352 -13.54 40.89 -5.05
N GLY B 353 -14.37 40.65 -4.03
CA GLY B 353 -15.81 40.51 -4.22
C GLY B 353 -16.33 39.13 -4.57
N TYR B 354 -15.50 38.10 -4.40
CA TYR B 354 -15.96 36.72 -4.63
C TYR B 354 -16.69 36.14 -3.43
N ASP B 355 -17.58 35.20 -3.71
CA ASP B 355 -18.14 34.35 -2.65
C ASP B 355 -17.07 33.31 -2.37
N VAL B 356 -16.62 33.29 -1.12
CA VAL B 356 -15.52 32.44 -0.66
C VAL B 356 -16.03 31.60 0.48
N TYR B 357 -15.82 30.28 0.38
CA TYR B 357 -16.27 29.34 1.39
C TYR B 357 -15.08 28.59 1.98
N GLY B 358 -15.28 28.04 3.17
CA GLY B 358 -14.23 27.28 3.82
C GLY B 358 -13.17 28.15 4.43
N GLY B 359 -11.98 27.58 4.62
CA GLY B 359 -10.86 28.31 5.17
C GLY B 359 -10.89 28.53 6.68
N LYS B 360 -12.04 28.24 7.31
CA LYS B 360 -12.16 28.41 8.75
C LYS B 360 -11.61 27.19 9.49
N ASN B 361 -11.94 26.02 8.96
CA ASN B 361 -11.67 24.75 9.62
C ASN B 361 -10.75 23.84 8.77
N ALA B 362 -10.11 24.40 7.75
CA ALA B 362 -9.36 23.60 6.79
C ALA B 362 -8.37 24.49 6.07
N PRO B 363 -7.27 23.92 5.55
CA PRO B 363 -6.21 24.71 4.91
C PRO B 363 -6.40 24.90 3.40
N TYR B 364 -7.61 25.22 3.00
CA TYR B 364 -7.91 25.56 1.62
C TYR B 364 -9.18 26.39 1.58
N VAL B 365 -9.36 27.08 0.46
CA VAL B 365 -10.50 27.97 0.29
C VAL B 365 -11.22 27.54 -0.96
N TRP B 366 -12.53 27.75 -0.99
CA TRP B 366 -13.41 27.24 -2.04
C TRP B 366 -14.11 28.46 -2.61
N VAL B 367 -13.68 28.84 -3.82
CA VAL B 367 -14.06 30.12 -4.42
C VAL B 367 -15.05 29.90 -5.57
N HIS B 368 -16.17 30.61 -5.53
CA HIS B 368 -17.18 30.53 -6.56
C HIS B 368 -16.84 31.45 -7.74
N PHE B 369 -16.73 30.85 -8.93
CA PHE B 369 -16.56 31.59 -10.18
C PHE B 369 -17.79 31.34 -11.06
N PRO B 370 -18.81 32.20 -10.94
CA PRO B 370 -20.04 32.05 -11.74
C PRO B 370 -19.82 32.22 -13.25
N ASN B 371 -20.61 31.52 -14.06
CA ASN B 371 -20.59 31.63 -15.53
C ASN B 371 -19.29 31.21 -16.21
N GLN B 372 -18.49 30.38 -15.53
CA GLN B 372 -17.29 29.80 -16.14
C GLN B 372 -17.14 28.36 -15.70
N SER B 373 -16.54 27.55 -16.55
CA SER B 373 -16.20 26.20 -16.17
C SER B 373 -14.97 26.27 -15.28
N SER B 374 -14.90 25.40 -14.29
CA SER B 374 -13.77 25.42 -13.38
C SER B 374 -12.45 25.11 -14.08
N TRP B 375 -12.47 24.21 -15.07
CA TRP B 375 -11.26 23.92 -15.83
C TRP B 375 -10.79 25.16 -16.62
N ASP B 376 -11.74 25.95 -17.11
CA ASP B 376 -11.37 27.15 -17.84
C ASP B 376 -10.76 28.17 -16.90
N VAL B 377 -11.32 28.31 -15.70
CA VAL B 377 -10.76 29.21 -14.70
C VAL B 377 -9.37 28.76 -14.29
N PHE B 378 -9.22 27.45 -14.03
CA PHE B 378 -7.90 26.91 -13.70
C PHE B 378 -6.88 27.31 -14.76
N ALA B 379 -7.25 27.13 -16.02
CA ALA B 379 -6.32 27.36 -17.13
C ALA B 379 -5.98 28.84 -17.27
N GLU B 380 -6.97 29.70 -17.03
CA GLU B 380 -6.77 31.15 -17.09
C GLU B 380 -5.85 31.64 -16.00
N ILE B 381 -6.08 31.19 -14.77
CA ILE B 381 -5.24 31.56 -13.66
C ILE B 381 -3.81 31.10 -13.88
N LEU B 382 -3.64 29.86 -14.36
CA LEU B 382 -2.30 29.34 -14.58
C LEU B 382 -1.59 30.11 -15.70
N GLU B 383 -2.28 30.34 -16.80
CA GLU B 383 -1.69 31.08 -17.93
C GLU B 383 -1.30 32.52 -17.57
N LYS B 384 -2.19 33.21 -16.87
CA LYS B 384 -2.01 34.65 -16.61
C LYS B 384 -1.19 34.99 -15.38
N THR B 385 -1.27 34.15 -14.35
CA THR B 385 -0.60 34.45 -13.07
C THR B 385 0.46 33.44 -12.69
N HIS B 386 0.54 32.33 -13.44
CA HIS B 386 1.49 31.26 -13.12
C HIS B 386 1.23 30.71 -11.71
N VAL B 387 -0.03 30.73 -11.30
CA VAL B 387 -0.43 30.08 -10.05
C VAL B 387 -1.28 28.86 -10.39
N VAL B 388 -0.94 27.72 -9.80
CA VAL B 388 -1.73 26.50 -9.96
C VAL B 388 -2.81 26.44 -8.88
N THR B 389 -4.04 26.14 -9.29
CA THR B 389 -5.18 25.95 -8.39
C THR B 389 -5.77 24.58 -8.71
N THR B 390 -6.93 24.23 -8.13
CA THR B 390 -7.59 22.98 -8.51
C THR B 390 -9.02 23.25 -8.97
N PRO B 391 -9.38 22.81 -10.19
CA PRO B 391 -10.78 23.00 -10.64
C PRO B 391 -11.77 22.23 -9.79
N GLY B 392 -12.84 22.90 -9.39
CA GLY B 392 -13.84 22.30 -8.52
C GLY B 392 -14.48 21.06 -9.10
N SER B 393 -14.63 21.03 -10.42
CA SER B 393 -15.25 19.89 -11.09
C SER B 393 -14.44 18.60 -10.94
N GLY B 394 -13.16 18.74 -10.58
CA GLY B 394 -12.32 17.56 -10.27
C GLY B 394 -12.81 16.83 -9.02
N PHE B 395 -13.63 17.50 -8.22
CA PHE B 395 -14.17 16.93 -6.99
C PHE B 395 -15.61 16.44 -7.12
N GLY B 396 -16.09 16.34 -8.36
CA GLY B 396 -17.45 15.87 -8.62
C GLY B 396 -18.29 16.98 -9.21
N PRO B 397 -19.48 16.64 -9.72
CA PRO B 397 -20.30 17.63 -10.44
C PRO B 397 -20.74 18.82 -9.59
N GLY B 398 -20.92 18.60 -8.28
CA GLY B 398 -21.26 19.68 -7.36
C GLY B 398 -20.13 20.69 -7.21
N GLY B 399 -18.96 20.37 -7.76
CA GLY B 399 -17.82 21.27 -7.70
C GLY B 399 -17.71 22.20 -8.90
N GLU B 400 -18.51 21.93 -9.92
CA GLU B 400 -18.50 22.80 -11.10
C GLU B 400 -18.83 24.25 -10.72
N GLY B 401 -18.06 25.18 -11.29
CA GLY B 401 -18.19 26.60 -11.00
C GLY B 401 -17.39 27.09 -9.80
N PHE B 402 -16.65 26.18 -9.17
CA PHE B 402 -15.80 26.57 -8.04
C PHE B 402 -14.35 26.24 -8.35
N VAL B 403 -13.45 26.88 -7.62
CA VAL B 403 -12.03 26.59 -7.68
C VAL B 403 -11.52 26.45 -6.25
N ARG B 404 -10.74 25.40 -5.99
CA ARG B 404 -10.12 25.25 -4.68
C ARG B 404 -8.73 25.87 -4.72
N VAL B 405 -8.40 26.65 -3.70
CA VAL B 405 -7.05 27.20 -3.57
C VAL B 405 -6.46 26.67 -2.26
N SER B 406 -5.33 25.98 -2.37
CA SER B 406 -4.62 25.43 -1.20
C SER B 406 -3.87 26.53 -0.47
N ALA B 407 -3.85 26.46 0.87
CA ALA B 407 -3.07 27.39 1.68
C ALA B 407 -1.67 26.88 2.04
N PHE B 408 -1.31 25.69 1.57
CA PHE B 408 0.01 25.17 1.82
C PHE B 408 1.03 25.91 0.95
N GLY B 409 1.91 26.67 1.59
CA GLY B 409 2.96 27.37 0.88
C GLY B 409 3.85 28.14 1.83
N HIS B 410 5.06 28.48 1.36
CA HIS B 410 5.89 29.42 2.10
C HIS B 410 5.11 30.74 2.19
N ARG B 411 5.30 31.47 3.28
CA ARG B 411 4.57 32.71 3.49
C ARG B 411 4.73 33.67 2.32
N GLU B 412 5.95 33.85 1.84
CA GLU B 412 6.19 34.78 0.73
C GLU B 412 5.50 34.33 -0.56
N ASN B 413 5.37 33.02 -0.76
CA ASN B 413 4.66 32.50 -1.92
C ASN B 413 3.15 32.73 -1.84
N ILE B 414 2.57 32.56 -0.65
CA ILE B 414 1.17 32.86 -0.46
C ILE B 414 0.92 34.36 -0.72
N LEU B 415 1.77 35.20 -0.15
CA LEU B 415 1.65 36.66 -0.33
C LEU B 415 1.76 37.04 -1.79
N GLU B 416 2.76 36.47 -2.47
CA GLU B 416 2.94 36.74 -3.90
C GLU B 416 1.76 36.23 -4.74
N ALA B 417 1.27 35.01 -4.46
CA ALA B 417 0.11 34.50 -5.19
C ALA B 417 -1.08 35.45 -5.02
N CYS B 418 -1.30 35.95 -3.80
CA CYS B 418 -2.42 36.82 -3.53
C CYS B 418 -2.26 38.15 -4.24
N ARG B 419 -1.05 38.67 -4.29
CA ARG B 419 -0.81 39.91 -5.02
C ARG B 419 -1.10 39.71 -6.51
N ARG B 420 -0.74 38.54 -7.04
CA ARG B 420 -1.06 38.22 -8.44
C ARG B 420 -2.55 38.12 -8.70
N PHE B 421 -3.28 37.49 -7.77
CA PHE B 421 -4.74 37.40 -7.90
C PHE B 421 -5.36 38.79 -7.90
N LYS B 422 -4.90 39.65 -6.99
CA LYS B 422 -5.48 40.99 -6.84
C LYS B 422 -5.23 41.78 -8.11
N GLN B 423 -4.02 41.67 -8.65
CA GLN B 423 -3.67 42.41 -9.85
C GLN B 423 -4.49 41.97 -11.05
N LEU B 424 -4.71 40.67 -11.17
CA LEU B 424 -5.51 40.12 -12.26
C LEU B 424 -6.98 40.55 -12.19
N TYR B 425 -7.54 40.53 -10.99
CA TYR B 425 -8.99 40.63 -10.85
C TYR B 425 -9.51 41.97 -10.36
N LYS B 426 -8.64 42.83 -9.85
CA LYS B 426 -9.12 44.05 -9.18
C LYS B 426 -9.91 45.01 -10.08
N HIS B 427 -9.59 45.04 -11.37
CA HIS B 427 -10.27 45.94 -12.29
C HIS B 427 -11.49 45.31 -12.98
N HIS B 428 -11.91 44.14 -12.50
CA HIS B 428 -13.04 43.44 -13.12
C HIS B 428 -14.24 43.15 -12.19
N HIS B 429 -14.31 42.00 -11.50
CA HIS B 429 -13.42 40.84 -11.64
C HIS B 429 -13.94 39.86 -12.70
N1 PLP C . 7.49 -12.43 -2.65
C2 PLP C . 8.08 -13.47 -2.04
C2A PLP C . 8.44 -14.73 -2.83
C3 PLP C . 8.40 -13.41 -0.68
O3 PLP C . 9.02 -14.45 -0.06
C4 PLP C . 8.08 -12.27 0.04
C4A PLP C . 8.40 -12.21 1.41
C5 PLP C . 7.46 -11.21 -0.61
C6 PLP C . 7.17 -11.33 -1.98
C5A PLP C . 7.08 -9.89 0.09
O4P PLP C . 8.17 -8.94 -0.06
P PLP C . 8.15 -7.45 0.55
O1P PLP C . 8.89 -7.54 1.90
O2P PLP C . 8.91 -6.45 -0.37
O3P PLP C . 6.76 -6.96 0.76
S SO4 D . 9.96 9.42 -16.56
O1 SO4 D . 8.74 8.70 -16.52
O2 SO4 D . 10.06 10.14 -17.78
O3 SO4 D . 10.01 10.39 -15.41
O4 SO4 D . 11.11 8.45 -16.45
C1 GOL E . 14.62 9.74 -2.96
O1 GOL E . 16.00 10.03 -3.23
C2 GOL E . 14.03 10.64 -1.88
O2 GOL E . 14.81 11.84 -1.73
C3 GOL E . 12.59 10.99 -2.22
O3 GOL E . 12.19 12.23 -1.61
C1 GOL F . 15.52 -8.06 -8.57
O1 GOL F . 15.65 -9.06 -7.57
C2 GOL F . 16.68 -8.21 -9.55
O2 GOL F . 17.86 -8.48 -8.79
C3 GOL F . 16.39 -9.38 -10.48
O3 GOL F . 15.97 -8.87 -11.75
C1 GOL G . 21.52 -5.85 -16.03
O1 GOL G . 22.33 -4.99 -16.82
C2 GOL G . 21.90 -7.26 -16.39
O2 GOL G . 21.89 -8.06 -15.21
C3 GOL G . 20.87 -7.75 -17.40
O3 GOL G . 20.74 -9.16 -17.29
OAI PL5 H . -1.41 11.62 2.48
PBB PL5 H . -2.54 10.59 2.83
OAJ PL5 H . -2.33 10.11 4.33
OAE PL5 H . -2.55 9.41 1.90
OAS PL5 H . -3.93 11.39 2.73
CAP PL5 H . -4.58 11.61 1.46
CAW PL5 H . -5.91 12.33 1.64
CAL PL5 H . -6.95 11.65 2.30
NAR PL5 H . -8.15 12.19 2.51
CAV PL5 H . -8.41 13.44 2.08
CAA PL5 H . -9.79 14.03 2.33
CAX PL5 H . -7.43 14.17 1.41
OAH PL5 H . -7.73 15.42 1.00
CAY PL5 H . -6.17 13.63 1.17
CAK PL5 H . -5.20 14.41 0.52
NAQ PL5 H . -5.56 15.28 -0.42
CBA PL5 H . -4.68 16.29 -1.03
CAU PL5 H . -5.53 17.24 -1.88
OAG PL5 H . -6.77 17.06 -1.91
OAD PL5 H . -4.91 18.11 -2.57
CAO PL5 H . -3.47 15.71 -1.80
CAM PL5 H . -3.87 15.14 -3.18
CB PL5 H . -2.65 14.53 -3.89
CA PL5 H . -2.18 13.24 -3.22
C PL5 H . -3.37 12.29 -3.10
OXT PL5 H . -3.76 11.75 -4.16
O PL5 H . -3.88 12.17 -1.97
N PL5 H . -1.13 12.63 -4.07
S SO4 I . -2.73 -5.52 21.27
O1 SO4 I . -3.82 -6.38 20.91
O2 SO4 I . -3.13 -4.14 21.09
O3 SO4 I . -2.36 -5.74 22.71
O4 SO4 I . -1.54 -5.82 20.40
C1 GOL J . 8.03 2.23 15.88
O1 GOL J . 8.36 3.01 17.04
C2 GOL J . 9.29 1.72 15.19
O2 GOL J . 10.34 1.53 16.15
C3 GOL J . 8.95 0.42 14.47
O3 GOL J . 10.15 -0.37 14.27
C1 GOL K . -7.32 12.66 13.50
O1 GOL K . -7.38 13.46 12.32
C2 GOL K . -7.91 13.43 14.66
O2 GOL K . -7.42 14.77 14.58
C3 GOL K . -9.44 13.40 14.54
O3 GOL K . -9.96 12.22 15.17
C1 GOL L . -10.09 13.07 24.10
O1 GOL L . -9.41 11.95 23.56
C2 GOL L . -10.59 13.85 22.91
O2 GOL L . -9.45 14.23 22.11
C3 GOL L . -11.51 12.92 22.13
O3 GOL L . -12.73 13.59 21.91
#